data_2C6C
#
_entry.id   2C6C
#
_cell.length_a   103.127
_cell.length_b   131.189
_cell.length_c   161.225
_cell.angle_alpha   90.00
_cell.angle_beta   90.00
_cell.angle_gamma   90.00
#
_symmetry.space_group_name_H-M   'I 2 2 2'
#
loop_
_entity.id
_entity.type
_entity.pdbx_description
1 polymer 'GLUTAMATE CARBOXYPEPTIDASE II'
2 branched 2-acetamido-2-deoxy-beta-D-glucopyranose-(1-4)-2-acetamido-2-deoxy-beta-D-glucopyranose
3 branched alpha-D-mannopyranose-(1-3)-alpha-D-mannopyranose-(1-4)-2-acetamido-2-deoxy-beta-D-glucopyranose-(1-4)-2-acetamido-2-deoxy-beta-D-glucopyranose
4 non-polymer 'ZINC ION'
5 non-polymer 'CALCIUM ION'
6 non-polymer 'CHLORIDE ION'
7 non-polymer 2-acetamido-2-deoxy-beta-D-glucopyranose
8 non-polymer '(2S)-2-{[HYDROXY(4-IODOBENZYL)PHOSPHORYL]METHYL}PENTANEDIOIC ACID'
9 water water
#
_entity_poly.entity_id   1
_entity_poly.type   'polypeptide(L)'
_entity_poly.pdbx_seq_one_letter_code
;KSSNEATNITPKHNMKAFLDELKAENIKKFLYNFTQIPHLAGTEQNFQLAKQIQSQWKEFGLDSVELAHYDVLLSYPNKT
HPNYISIINEDGNEIFNTSLFEPPPPGYENVSDIVPPFSAFSPQGMPEGDLVYVNYARTEDFFKLERDMKINCSGKIVIA
RYGKVFRGNKVKNAQLAGAKGVILYSDPADYFAPGVKSYPDGWNLPGGGVQRGNILNLNGAGDPLTPGYPANEYAYRRGI
AEAVGLPSIPVHPIGYYDAQKLLEKMGGSAPPDSSWRGSLKVPYNVGPGFTGNFSTQKVKMHIHSTNEVTRIYNVIGTLR
GAVEPDRYVILGGHRDSWVFGGIDPQSGAAVVHEIVRSFGTLKKEGWRPRRTILFASWDAEEFGLLGSTEWAEENSRLLQ
ERGVAYINADSSIEGNYTLRVDCTPLMYSLVHNLTKELKSPDEGFEGKSLYESWTKKSPSPEFSGMPRISKLGSGNDFEV
FFQRLGIASGRARYTKNWETNKFSGYPLYHSVYETYELVEKFYDPMFKYHLTVAQVRGGMVFELANSIVLPFDCRDYAVV
LRKYADKIYSISMKHPQEMKTYSVSFDSLFSAVKNFTEIASKFSERLQDFDKSNPIVLRMMNDQLMFLERAFIDPLGLPD
RPFYRHVIYAPSSHNKYAGESFPGIYDALFDIESKVDPSKAWGEVKRQIYVAAFTVQAAAETLSEVA
;
_entity_poly.pdbx_strand_id   A
#
loop_
_chem_comp.id
_chem_comp.type
_chem_comp.name
_chem_comp.formula
24I non-polymer '(2S)-2-{[HYDROXY(4-IODOBENZYL)PHOSPHORYL]METHYL}PENTANEDIOIC ACID' 'C13 H16 I O6 P'
CA non-polymer 'CALCIUM ION' 'Ca 2'
CL non-polymer 'CHLORIDE ION' 'Cl -1'
MAN D-saccharide, alpha linking alpha-D-mannopyranose 'C6 H12 O6'
NAG D-saccharide, beta linking 2-acetamido-2-deoxy-beta-D-glucopyranose 'C8 H15 N O6'
ZN non-polymer 'ZINC ION' 'Zn 2'
#
# COMPACT_ATOMS: atom_id res chain seq x y z
N ASN A 14 -14.73 16.65 -24.59
CA ASN A 14 -13.72 15.56 -24.83
C ASN A 14 -12.59 15.56 -23.80
N MET A 15 -11.55 14.76 -23.99
CA MET A 15 -10.62 14.56 -22.90
C MET A 15 -9.88 15.90 -22.64
N LYS A 16 -9.33 16.48 -23.72
CA LYS A 16 -8.60 17.75 -23.65
C LYS A 16 -9.37 18.82 -22.84
N ALA A 17 -10.67 18.92 -23.06
CA ALA A 17 -11.52 19.79 -22.27
C ALA A 17 -11.49 19.45 -20.78
N PHE A 18 -11.45 18.15 -20.50
CA PHE A 18 -11.36 17.73 -19.12
C PHE A 18 -10.02 18.18 -18.55
N LEU A 19 -8.96 17.77 -19.18
CA LEU A 19 -7.59 18.04 -18.79
C LEU A 19 -7.22 19.53 -18.65
N ASP A 20 -7.79 20.38 -19.49
CA ASP A 20 -7.46 21.81 -19.50
C ASP A 20 -8.15 22.45 -18.37
N GLU A 21 -9.23 21.82 -17.85
CA GLU A 21 -9.97 22.44 -16.77
C GLU A 21 -9.31 22.30 -15.37
N LEU A 22 -8.44 21.32 -15.24
CA LEU A 22 -7.70 21.10 -14.00
C LEU A 22 -6.66 22.23 -13.75
N LYS A 23 -6.64 22.77 -12.55
CA LYS A 23 -5.72 23.90 -12.22
C LYS A 23 -4.82 23.62 -11.02
N ALA A 24 -3.53 23.88 -11.18
CA ALA A 24 -2.56 23.74 -10.11
C ALA A 24 -2.91 24.56 -8.91
N GLU A 25 -3.47 25.73 -9.16
CA GLU A 25 -3.84 26.66 -8.08
C GLU A 25 -4.97 26.09 -7.23
N ASN A 26 -5.92 25.42 -7.87
CA ASN A 26 -7.05 24.83 -7.14
C ASN A 26 -6.50 23.71 -6.23
N ILE A 27 -5.57 22.93 -6.75
CA ILE A 27 -5.04 21.85 -5.97
C ILE A 27 -4.36 22.43 -4.72
N LYS A 28 -3.49 23.44 -4.95
CA LYS A 28 -2.79 24.15 -3.85
C LYS A 28 -3.75 24.53 -2.77
N LYS A 29 -4.85 25.16 -3.12
CA LYS A 29 -5.79 25.64 -2.10
C LYS A 29 -6.64 24.59 -1.37
N PHE A 30 -7.01 23.52 -2.06
CA PHE A 30 -7.55 22.32 -1.38
C PHE A 30 -6.56 21.69 -0.42
N LEU A 31 -5.31 21.57 -0.82
CA LEU A 31 -4.33 21.03 0.10
C LEU A 31 -4.25 21.83 1.37
N TYR A 32 -4.15 23.15 1.22
CA TYR A 32 -4.10 24.03 2.36
C TYR A 32 -5.30 23.83 3.28
N ASN A 33 -6.48 23.80 2.69
CA ASN A 33 -7.75 23.59 3.37
C ASN A 33 -7.83 22.23 4.16
N PHE A 34 -7.15 21.18 3.65
CA PHE A 34 -7.25 19.79 4.18
C PHE A 34 -6.20 19.52 5.27
N THR A 35 -5.28 20.47 5.47
CA THR A 35 -4.11 20.26 6.32
C THR A 35 -3.86 21.14 7.52
N GLN A 36 -4.84 21.95 7.90
CA GLN A 36 -4.66 22.91 8.99
C GLN A 36 -4.93 22.28 10.34
N ILE A 37 -5.72 21.19 10.40
CA ILE A 37 -5.90 20.43 11.64
C ILE A 37 -5.82 18.96 11.31
N PRO A 38 -5.49 18.15 12.31
CA PRO A 38 -5.41 16.68 12.17
C PRO A 38 -6.76 16.06 11.86
N HIS A 39 -6.70 14.98 11.08
CA HIS A 39 -7.90 14.29 10.70
C HIS A 39 -7.75 12.76 10.92
N LEU A 40 -7.50 12.42 12.14
CA LEU A 40 -7.42 11.05 12.58
C LEU A 40 -8.74 10.31 12.44
N ALA A 41 -8.68 9.09 11.94
CA ALA A 41 -9.89 8.27 11.83
C ALA A 41 -10.57 8.13 13.17
N GLY A 42 -11.90 8.20 13.14
CA GLY A 42 -12.76 8.07 14.30
C GLY A 42 -12.94 9.30 15.14
N THR A 43 -12.25 10.39 14.76
CA THR A 43 -12.38 11.68 15.47
C THR A 43 -13.38 12.60 14.81
N GLU A 44 -13.90 13.56 15.59
CA GLU A 44 -14.96 14.43 15.07
C GLU A 44 -14.45 15.31 13.97
N GLN A 45 -13.18 15.66 14.05
CA GLN A 45 -12.55 16.48 13.00
C GLN A 45 -12.61 15.76 11.66
N ASN A 46 -12.42 14.43 11.65
CA ASN A 46 -12.49 13.75 10.34
C ASN A 46 -13.92 13.56 9.85
N PHE A 47 -14.87 13.41 10.76
CA PHE A 47 -16.30 13.39 10.41
C PHE A 47 -16.71 14.72 9.78
N GLN A 48 -16.30 15.83 10.40
CA GLN A 48 -16.62 17.13 9.79
C GLN A 48 -15.93 17.37 8.45
N LEU A 49 -14.71 16.84 8.24
CA LEU A 49 -14.14 16.95 6.92
C LEU A 49 -14.91 16.10 5.90
N ALA A 50 -15.40 14.92 6.33
CA ALA A 50 -16.24 14.13 5.44
C ALA A 50 -17.53 14.89 5.03
N LYS A 51 -18.17 15.56 5.99
CA LYS A 51 -19.38 16.35 5.68
C LYS A 51 -19.08 17.47 4.72
N GLN A 52 -17.93 18.13 4.89
CA GLN A 52 -17.47 19.14 3.93
C GLN A 52 -17.26 18.58 2.54
N ILE A 53 -16.50 17.49 2.43
CA ILE A 53 -16.33 16.89 1.14
C ILE A 53 -17.68 16.52 0.48
N GLN A 54 -18.60 15.94 1.24
CA GLN A 54 -19.93 15.61 0.69
C GLN A 54 -20.70 16.84 0.15
N SER A 55 -20.71 17.97 0.84
CA SER A 55 -21.37 19.21 0.28
C SER A 55 -20.68 19.73 -0.92
N GLN A 56 -19.35 19.75 -0.89
CA GLN A 56 -18.63 20.23 -2.02
C GLN A 56 -18.83 19.38 -3.25
N TRP A 57 -18.75 18.06 -3.09
CA TRP A 57 -18.92 17.23 -4.27
C TRP A 57 -20.37 17.42 -4.81
N LYS A 58 -21.34 17.66 -3.94
CA LYS A 58 -22.70 17.92 -4.44
C LYS A 58 -22.66 19.25 -5.22
N GLU A 59 -22.08 20.31 -4.63
CA GLU A 59 -21.98 21.57 -5.35
C GLU A 59 -21.22 21.49 -6.62
N PHE A 60 -20.17 20.67 -6.66
CA PHE A 60 -19.36 20.53 -7.85
C PHE A 60 -20.15 19.87 -9.00
N GLY A 61 -21.31 19.28 -8.71
CA GLY A 61 -22.16 18.71 -9.77
C GLY A 61 -22.45 17.20 -9.84
N LEU A 62 -22.01 16.39 -8.87
CA LEU A 62 -22.17 14.94 -9.02
C LEU A 62 -23.65 14.60 -8.74
N ASP A 63 -24.13 13.51 -9.31
CA ASP A 63 -25.57 13.20 -9.16
C ASP A 63 -25.99 12.86 -7.79
N SER A 64 -25.20 12.09 -7.04
CA SER A 64 -25.51 11.84 -5.68
C SER A 64 -24.21 11.68 -4.91
N VAL A 65 -24.29 12.00 -3.64
CA VAL A 65 -23.13 11.98 -2.80
C VAL A 65 -23.55 11.55 -1.44
N GLU A 66 -23.05 10.42 -1.00
CA GLU A 66 -23.54 9.81 0.22
C GLU A 66 -22.43 9.50 1.20
N LEU A 67 -22.75 9.47 2.49
CA LEU A 67 -21.86 8.87 3.49
C LEU A 67 -22.19 7.39 3.73
N ALA A 68 -21.18 6.52 3.80
CA ALA A 68 -21.33 5.12 4.19
C ALA A 68 -20.49 4.94 5.45
N HIS A 69 -21.13 4.59 6.56
CA HIS A 69 -20.48 4.38 7.82
C HIS A 69 -20.44 2.94 8.29
N TYR A 70 -19.45 2.63 9.13
CA TYR A 70 -19.15 1.29 9.64
C TYR A 70 -18.61 1.53 11.05
N ASP A 71 -18.79 0.53 11.90
CA ASP A 71 -18.23 0.51 13.24
C ASP A 71 -17.17 -0.51 13.32
N VAL A 72 -15.92 -0.04 13.35
CA VAL A 72 -14.75 -0.90 13.22
C VAL A 72 -13.78 -0.74 14.42
N LEU A 73 -12.91 -1.71 14.60
CA LEU A 73 -11.91 -1.64 15.68
C LEU A 73 -10.81 -0.71 15.32
N LEU A 74 -10.63 0.32 16.16
CA LEU A 74 -9.51 1.24 16.03
C LEU A 74 -8.70 1.17 17.35
N SER A 75 -7.63 1.93 17.45
CA SER A 75 -6.72 1.91 18.60
C SER A 75 -6.18 3.32 18.84
N TYR A 76 -6.12 3.71 20.12
CA TYR A 76 -5.68 5.06 20.51
C TYR A 76 -4.95 4.95 21.85
N PRO A 77 -3.96 5.80 22.03
CA PRO A 77 -3.29 5.92 23.33
C PRO A 77 -4.24 6.41 24.40
N ASN A 78 -3.98 5.99 25.66
CA ASN A 78 -4.67 6.55 26.82
C ASN A 78 -4.13 7.95 27.10
N LYS A 79 -5.01 8.94 27.00
CA LYS A 79 -4.67 10.34 27.30
C LYS A 79 -4.12 10.61 28.72
N THR A 80 -4.60 9.87 29.71
CA THR A 80 -4.11 10.05 31.08
C THR A 80 -3.01 9.08 31.50
N HIS A 81 -2.36 8.39 30.58
CA HIS A 81 -1.48 7.30 30.96
C HIS A 81 -0.49 7.01 29.83
N PRO A 82 0.38 7.96 29.55
CA PRO A 82 1.27 7.89 28.36
C PRO A 82 2.20 6.71 28.20
N ASN A 83 2.43 6.39 26.93
CA ASN A 83 3.22 5.25 26.57
C ASN A 83 4.66 5.71 26.62
N TYR A 84 5.57 4.91 27.15
CA TYR A 84 6.99 5.26 27.01
C TYR A 84 7.88 4.09 27.32
N ILE A 85 9.15 4.26 26.99
CA ILE A 85 10.16 3.26 27.24
C ILE A 85 11.22 3.87 28.23
N SER A 86 11.85 3.00 29.01
CA SER A 86 12.77 3.36 30.11
C SER A 86 13.97 2.45 30.11
N ILE A 87 15.15 3.01 30.37
CA ILE A 87 16.24 2.20 30.90
C ILE A 87 16.10 2.19 32.44
N ILE A 88 16.05 1.00 33.02
CA ILE A 88 16.04 0.85 34.47
C ILE A 88 17.34 0.19 35.02
N ASN A 89 17.82 0.72 36.15
CA ASN A 89 18.95 0.13 36.87
C ASN A 89 18.47 -1.01 37.76
N GLU A 90 19.41 -1.70 38.42
CA GLU A 90 19.08 -2.84 39.30
C GLU A 90 18.00 -2.58 40.38
N ASP A 91 17.95 -1.36 40.90
CA ASP A 91 17.00 -0.99 41.94
C ASP A 91 15.60 -0.71 41.40
N GLY A 92 15.48 -0.61 40.08
CA GLY A 92 14.19 -0.43 39.44
C GLY A 92 13.86 1.04 39.32
N ASN A 93 14.91 1.84 39.23
CA ASN A 93 14.73 3.26 39.04
C ASN A 93 14.73 3.51 37.53
N GLU A 94 13.87 4.42 37.08
CA GLU A 94 13.85 4.79 35.66
C GLU A 94 14.88 5.87 35.37
N ILE A 95 16.06 5.43 34.94
CA ILE A 95 17.20 6.34 34.73
C ILE A 95 17.23 7.06 33.41
N PHE A 96 16.48 6.57 32.42
CA PHE A 96 16.23 7.34 31.19
C PHE A 96 14.83 6.99 30.71
N ASN A 97 14.05 8.01 30.35
CA ASN A 97 12.72 7.87 29.76
C ASN A 97 12.69 8.44 28.34
N THR A 98 11.99 7.75 27.41
CA THR A 98 11.86 8.30 26.03
C THR A 98 10.87 9.42 26.05
N SER A 99 10.96 10.26 25.04
CA SER A 99 10.07 11.40 24.82
C SER A 99 8.55 11.04 24.77
N LEU A 100 7.69 11.92 25.27
CA LEU A 100 6.25 11.64 25.28
C LEU A 100 5.52 12.23 24.07
N PHE A 101 6.16 13.13 23.34
CA PHE A 101 5.54 13.72 22.16
C PHE A 101 6.64 14.29 21.32
N GLU A 102 6.34 14.68 20.09
CA GLU A 102 7.31 15.20 19.14
C GLU A 102 7.28 16.74 19.33
N PRO A 103 8.42 17.43 19.36
CA PRO A 103 8.38 18.91 19.37
C PRO A 103 7.61 19.43 18.15
N PRO A 104 6.54 20.18 18.38
CA PRO A 104 5.73 20.68 17.28
C PRO A 104 6.54 21.61 16.43
N PRO A 105 6.18 21.68 15.17
CA PRO A 105 6.80 22.65 14.28
C PRO A 105 6.26 24.05 14.56
N PRO A 106 7.05 25.03 14.12
CA PRO A 106 6.70 26.45 14.26
C PRO A 106 5.33 26.87 13.72
N GLY A 107 4.56 27.53 14.57
CA GLY A 107 3.23 27.97 14.21
C GLY A 107 2.12 27.01 14.63
N TYR A 108 2.47 25.79 15.05
CA TYR A 108 1.49 24.71 15.32
C TYR A 108 1.42 24.34 16.78
N GLU A 109 1.94 25.20 17.62
CA GLU A 109 2.11 24.81 19.01
C GLU A 109 0.77 24.90 19.77
N ASN A 110 -0.16 25.66 19.23
CA ASN A 110 -1.49 25.71 19.83
C ASN A 110 -2.51 24.80 19.16
N VAL A 111 -2.07 23.81 18.40
CA VAL A 111 -3.00 22.87 17.82
C VAL A 111 -3.28 21.78 18.82
N SER A 112 -4.55 21.55 19.02
CA SER A 112 -5.04 20.48 19.88
C SER A 112 -5.14 19.14 19.11
N ASP A 113 -4.88 18.09 19.85
CA ASP A 113 -5.26 16.79 19.40
C ASP A 113 -4.32 16.19 18.42
N ILE A 114 -3.04 16.57 18.52
CA ILE A 114 -2.00 15.83 17.86
C ILE A 114 -1.80 14.57 18.63
N VAL A 115 -2.18 13.44 18.02
CA VAL A 115 -1.98 12.16 18.65
C VAL A 115 -0.46 11.94 18.83
N PRO A 116 -0.03 11.59 20.04
CA PRO A 116 1.36 11.23 20.30
C PRO A 116 1.80 9.97 19.56
N PRO A 117 3.09 9.85 19.28
CA PRO A 117 3.62 8.67 18.60
C PRO A 117 3.26 7.38 19.35
N PHE A 118 2.79 6.41 18.56
CA PHE A 118 2.30 5.14 19.09
C PHE A 118 2.13 4.16 17.90
N SER A 119 2.20 2.87 18.22
CA SER A 119 1.99 1.76 17.29
C SER A 119 0.56 1.31 17.44
N ALA A 120 -0.29 1.66 16.48
CA ALA A 120 -1.72 1.30 16.55
C ALA A 120 -1.89 -0.21 16.59
N PHE A 121 -2.69 -0.66 17.56
CA PHE A 121 -3.07 -2.05 17.85
C PHE A 121 -2.06 -2.82 18.73
N SER A 122 -0.99 -2.18 19.20
CA SER A 122 -0.19 -2.79 20.26
C SER A 122 -1.07 -3.22 21.43
N PRO A 123 -0.80 -4.39 21.96
CA PRO A 123 -1.47 -4.81 23.18
C PRO A 123 -0.85 -4.00 24.34
N GLN A 124 -1.51 -4.02 25.47
CA GLN A 124 -1.00 -3.37 26.68
C GLN A 124 0.06 -4.23 27.34
N GLY A 125 1.05 -3.59 27.97
CA GLY A 125 2.05 -4.35 28.72
C GLY A 125 3.20 -3.53 29.30
N MET A 126 3.98 -4.14 30.20
CA MET A 126 5.14 -3.47 30.80
C MET A 126 6.41 -4.38 30.83
N PRO A 127 6.74 -5.03 29.71
CA PRO A 127 7.87 -5.96 29.71
C PRO A 127 9.20 -5.25 29.97
N GLU A 128 10.04 -5.95 30.71
CA GLU A 128 11.43 -5.50 30.91
C GLU A 128 12.29 -6.67 30.50
N GLY A 129 13.47 -6.37 29.97
CA GLY A 129 14.37 -7.39 29.50
C GLY A 129 15.60 -6.83 28.83
N ASP A 130 16.40 -7.69 28.25
CA ASP A 130 17.56 -7.27 27.51
C ASP A 130 17.21 -7.05 26.04
N LEU A 131 17.94 -6.14 25.41
CA LEU A 131 17.70 -5.73 24.04
C LEU A 131 18.49 -6.63 23.11
N VAL A 132 17.89 -7.08 22.01
CA VAL A 132 18.65 -7.50 20.83
C VAL A 132 18.36 -6.56 19.66
N TYR A 133 19.39 -6.25 18.89
CA TYR A 133 19.23 -5.39 17.75
C TYR A 133 19.17 -6.27 16.52
N VAL A 134 18.13 -6.05 15.69
CA VAL A 134 17.81 -7.01 14.62
C VAL A 134 17.81 -6.35 13.24
N ASN A 135 18.49 -5.23 13.15
CA ASN A 135 18.58 -4.54 11.89
C ASN A 135 17.12 -4.12 11.49
N TYR A 136 16.64 -4.52 10.30
CA TYR A 136 15.30 -4.11 9.81
C TYR A 136 14.24 -5.08 10.19
N ALA A 137 14.64 -6.10 10.94
CA ALA A 137 13.78 -7.16 11.36
C ALA A 137 13.09 -7.87 10.17
N ARG A 138 13.79 -7.91 9.04
CA ARG A 138 13.38 -8.74 7.91
C ARG A 138 13.57 -10.23 8.17
N THR A 139 12.91 -11.00 7.34
CA THR A 139 12.94 -12.44 7.48
C THR A 139 14.42 -12.89 7.45
N GLU A 140 15.19 -12.33 6.52
CA GLU A 140 16.61 -12.70 6.36
C GLU A 140 17.48 -12.18 7.52
N ASP A 141 17.08 -11.05 8.13
CA ASP A 141 17.75 -10.57 9.34
C ASP A 141 17.65 -11.59 10.44
N PHE A 142 16.45 -12.15 10.61
CA PHE A 142 16.29 -13.12 11.64
C PHE A 142 17.03 -14.42 11.29
N PHE A 143 17.03 -14.82 10.02
CA PHE A 143 17.74 -16.03 9.63
C PHE A 143 19.24 -15.89 10.07
N LYS A 144 19.82 -14.73 9.80
CA LYS A 144 21.21 -14.44 10.11
C LYS A 144 21.42 -14.58 11.61
N LEU A 145 20.57 -13.95 12.38
CA LEU A 145 20.71 -14.03 13.80
C LEU A 145 20.62 -15.47 14.33
N GLU A 146 19.60 -16.22 13.92
CA GLU A 146 19.40 -17.55 14.47
C GLU A 146 20.31 -18.61 13.87
N ARG A 147 20.62 -18.48 12.59
CA ARG A 147 21.26 -19.55 11.87
C ARG A 147 22.77 -19.36 11.83
N ASP A 148 23.20 -18.15 11.53
CA ASP A 148 24.61 -17.86 11.42
C ASP A 148 25.21 -17.46 12.75
N MET A 149 24.55 -16.54 13.45
CA MET A 149 25.12 -15.96 14.65
C MET A 149 24.73 -16.73 15.91
N LYS A 150 23.70 -17.56 15.79
CA LYS A 150 23.19 -18.36 16.89
C LYS A 150 22.81 -17.54 18.11
N ILE A 151 22.23 -16.36 17.87
CA ILE A 151 21.63 -15.55 18.94
C ILE A 151 20.17 -15.94 19.09
N ASN A 152 19.69 -16.06 20.32
CA ASN A 152 18.31 -16.47 20.59
C ASN A 152 17.50 -15.29 21.14
N CYS A 153 16.48 -14.83 20.39
CA CYS A 153 15.71 -13.65 20.78
C CYS A 153 14.60 -13.97 21.77
N SER A 154 14.41 -15.23 22.11
CA SER A 154 13.35 -15.61 23.01
C SER A 154 13.44 -14.89 24.37
N GLY A 155 12.27 -14.46 24.88
CA GLY A 155 12.21 -13.58 26.03
C GLY A 155 12.95 -12.25 26.00
N LYS A 156 13.57 -11.90 24.87
CA LYS A 156 14.24 -10.59 24.68
C LYS A 156 13.33 -9.48 24.08
N ILE A 157 13.64 -8.22 24.34
CA ILE A 157 13.00 -7.12 23.63
C ILE A 157 13.86 -6.83 22.44
N VAL A 158 13.27 -6.75 21.23
CA VAL A 158 14.07 -6.40 20.06
C VAL A 158 13.92 -4.97 19.70
N ILE A 159 14.98 -4.42 19.15
CA ILE A 159 14.92 -3.08 18.65
C ILE A 159 15.32 -3.20 17.21
N ALA A 160 14.55 -2.54 16.36
CA ALA A 160 14.71 -2.68 14.93
C ALA A 160 14.49 -1.34 14.30
N ARG A 161 15.25 -1.06 13.27
CA ARG A 161 15.02 0.15 12.55
C ARG A 161 13.95 -0.04 11.47
N TYR A 162 13.24 1.08 11.27
CA TYR A 162 12.21 1.22 10.30
C TYR A 162 12.86 1.18 8.93
N GLY A 163 12.12 0.77 7.90
CA GLY A 163 12.68 0.69 6.55
C GLY A 163 12.55 -0.68 5.87
N LYS A 164 12.54 -0.63 4.54
CA LYS A 164 12.69 -1.80 3.65
C LYS A 164 11.39 -2.58 3.50
N VAL A 165 10.75 -2.88 4.64
CA VAL A 165 9.51 -3.62 4.66
C VAL A 165 8.48 -3.01 5.59
N PHE A 166 7.20 -3.36 5.34
CA PHE A 166 6.10 -2.88 6.14
C PHE A 166 6.33 -3.28 7.58
N ARG A 167 5.99 -2.37 8.50
CA ARG A 167 6.28 -2.54 9.94
C ARG A 167 5.55 -3.71 10.58
N GLY A 168 4.41 -4.07 9.99
CA GLY A 168 3.67 -5.20 10.48
C GLY A 168 4.43 -6.49 10.28
N ASN A 169 5.17 -6.59 9.19
CA ASN A 169 5.99 -7.76 8.96
C ASN A 169 7.14 -7.95 10.01
N LYS A 170 7.78 -6.85 10.32
CA LYS A 170 8.83 -6.80 11.37
C LYS A 170 8.28 -7.39 12.68
N VAL A 171 7.13 -6.92 13.11
CA VAL A 171 6.48 -7.35 14.33
C VAL A 171 6.08 -8.83 14.30
N LYS A 172 5.60 -9.29 13.13
CA LYS A 172 5.25 -10.68 12.95
C LYS A 172 6.51 -11.53 13.09
N ASN A 173 7.61 -11.11 12.45
CA ASN A 173 8.89 -11.86 12.52
C ASN A 173 9.46 -11.90 13.98
N ALA A 174 9.38 -10.79 14.68
CA ALA A 174 9.84 -10.71 16.08
C ALA A 174 9.04 -11.64 16.96
N GLN A 175 7.75 -11.65 16.75
CA GLN A 175 6.87 -12.44 17.54
C GLN A 175 7.24 -13.91 17.26
N LEU A 176 7.44 -14.27 16.00
CA LEU A 176 7.77 -15.65 15.67
C LEU A 176 9.07 -16.08 16.34
N ALA A 177 9.99 -15.14 16.49
CA ALA A 177 11.31 -15.41 17.03
C ALA A 177 11.37 -15.47 18.54
N GLY A 178 10.23 -15.41 19.23
CA GLY A 178 10.18 -15.38 20.68
C GLY A 178 10.26 -14.06 21.43
N ALA A 179 10.49 -12.92 20.74
CA ALA A 179 10.52 -11.63 21.42
C ALA A 179 9.34 -11.35 22.33
N LYS A 180 9.53 -10.50 23.33
CA LYS A 180 8.40 -10.09 24.12
C LYS A 180 8.10 -8.63 24.02
N GLY A 181 8.74 -7.93 23.11
CA GLY A 181 8.45 -6.51 22.91
C GLY A 181 9.18 -6.10 21.67
N VAL A 182 8.74 -5.04 21.03
CA VAL A 182 9.46 -4.52 19.88
C VAL A 182 9.52 -3.02 20.02
N ILE A 183 10.70 -2.47 19.72
CA ILE A 183 10.92 -1.05 19.67
C ILE A 183 11.35 -0.72 18.26
N LEU A 184 10.65 0.23 17.63
CA LEU A 184 10.96 0.60 16.25
C LEU A 184 11.56 1.97 16.29
N TYR A 185 12.59 2.25 15.48
CA TYR A 185 13.12 3.60 15.45
C TYR A 185 13.52 3.96 14.07
N SER A 186 13.59 5.27 13.82
CA SER A 186 14.06 5.79 12.58
C SER A 186 15.59 6.13 12.58
N ASP A 187 16.33 5.33 11.85
CA ASP A 187 17.75 5.56 11.71
C ASP A 187 18.02 6.63 10.67
N PRO A 188 18.89 7.58 11.00
CA PRO A 188 19.24 8.64 10.05
C PRO A 188 19.80 8.10 8.72
N ALA A 189 20.45 6.96 8.73
CA ALA A 189 20.90 6.37 7.47
C ALA A 189 19.74 6.09 6.50
N ASP A 190 18.58 5.79 7.06
CA ASP A 190 17.37 5.58 6.25
C ASP A 190 16.45 6.77 6.12
N TYR A 191 16.60 7.81 6.96
CA TYR A 191 15.60 8.89 7.00
C TYR A 191 16.20 10.27 7.13
N PHE A 192 17.46 10.39 6.74
CA PHE A 192 18.19 11.65 6.78
C PHE A 192 19.08 11.66 5.55
N ALA A 193 18.64 12.38 4.55
CA ALA A 193 19.32 12.48 3.31
C ALA A 193 20.49 13.45 3.48
N PRO A 194 21.66 13.02 3.00
CA PRO A 194 22.89 13.80 3.01
C PRO A 194 22.77 15.18 2.43
N GLY A 195 23.18 16.19 3.20
CA GLY A 195 23.31 17.53 2.66
C GLY A 195 22.04 18.32 2.74
N VAL A 196 21.02 17.83 3.45
CA VAL A 196 19.82 18.64 3.56
C VAL A 196 19.50 18.81 5.00
N LYS A 197 18.84 19.90 5.35
CA LYS A 197 18.59 20.17 6.74
C LYS A 197 17.31 19.49 7.24
N SER A 198 17.26 19.29 8.55
CA SER A 198 16.04 18.95 9.29
C SER A 198 14.92 19.98 9.15
N TYR A 199 13.65 19.51 9.19
CA TYR A 199 12.51 20.40 9.28
C TYR A 199 12.63 21.32 10.55
N PRO A 200 12.30 22.59 10.49
CA PRO A 200 11.71 23.27 9.35
C PRO A 200 12.60 23.90 8.30
N ASP A 201 13.91 23.67 8.28
CA ASP A 201 14.77 24.39 7.32
C ASP A 201 15.10 23.58 6.09
N GLY A 202 14.78 22.28 6.16
CA GLY A 202 14.81 21.34 5.06
C GLY A 202 13.76 20.24 5.28
N TRP A 203 13.91 19.15 4.53
CA TRP A 203 12.87 18.11 4.55
C TRP A 203 13.29 16.84 5.24
N ASN A 204 14.36 16.90 6.04
CA ASN A 204 14.82 15.74 6.80
C ASN A 204 14.10 15.55 8.14
N LEU A 205 14.23 14.37 8.70
CA LEU A 205 13.62 14.03 9.96
C LEU A 205 14.58 14.51 11.07
N PRO A 206 14.04 15.30 11.99
CA PRO A 206 14.72 15.63 13.26
C PRO A 206 14.89 14.49 14.24
N GLY A 207 15.81 14.64 15.21
CA GLY A 207 16.09 13.54 16.10
C GLY A 207 14.93 13.29 17.00
N GLY A 208 14.05 14.27 17.05
CA GLY A 208 12.85 14.16 17.87
C GLY A 208 11.60 13.63 17.10
N GLY A 209 11.64 13.56 15.78
CA GLY A 209 10.53 13.01 14.97
C GLY A 209 10.30 11.53 15.11
N VAL A 210 9.03 11.10 15.12
CA VAL A 210 8.70 9.69 15.20
C VAL A 210 7.63 9.31 14.09
N GLN A 211 7.76 8.10 13.56
CA GLN A 211 6.85 7.50 12.54
C GLN A 211 5.79 6.72 13.26
N ARG A 212 4.58 7.22 13.22
CA ARG A 212 3.39 6.47 13.68
C ARG A 212 3.10 5.35 12.64
N GLY A 213 2.17 4.50 12.97
CA GLY A 213 1.72 3.46 12.04
C GLY A 213 1.18 2.21 12.72
N ASN A 214 0.20 1.58 12.03
CA ASN A 214 -0.32 0.32 12.53
C ASN A 214 0.65 -0.82 12.28
N ILE A 215 0.51 -1.86 13.09
CA ILE A 215 1.39 -3.00 13.05
C ILE A 215 0.57 -4.28 12.95
N LEU A 216 -0.59 -4.22 12.32
CA LEU A 216 -1.43 -5.42 12.08
C LEU A 216 -0.87 -6.36 11.04
N ASN A 217 -1.32 -7.61 11.10
CA ASN A 217 -1.12 -8.51 9.99
C ASN A 217 -2.43 -9.06 9.47
N LEU A 218 -3.14 -8.22 8.74
CA LEU A 218 -4.52 -8.52 8.36
C LEU A 218 -4.70 -9.45 7.18
N ASN A 219 -3.71 -9.52 6.30
CA ASN A 219 -3.82 -10.30 5.07
C ASN A 219 -5.14 -10.11 4.30
N GLY A 220 -5.56 -8.85 4.12
CA GLY A 220 -6.74 -8.54 3.35
C GLY A 220 -8.07 -8.63 4.11
N ALA A 221 -8.08 -8.83 5.42
CA ALA A 221 -9.32 -9.13 6.14
C ALA A 221 -10.25 -7.93 6.38
N GLY A 222 -9.67 -6.75 6.42
CA GLY A 222 -10.34 -5.53 6.76
C GLY A 222 -10.50 -5.43 8.26
N ASP A 223 -11.64 -4.91 8.76
CA ASP A 223 -11.92 -4.80 10.21
C ASP A 223 -11.68 -6.13 10.88
N PRO A 224 -10.83 -6.13 11.91
CA PRO A 224 -10.42 -7.35 12.60
C PRO A 224 -11.53 -8.21 13.20
N LEU A 225 -12.65 -7.59 13.53
CA LEU A 225 -13.76 -8.26 14.14
C LEU A 225 -14.78 -8.87 13.21
N THR A 226 -14.77 -8.46 11.94
CA THR A 226 -15.83 -8.89 10.99
C THR A 226 -15.33 -9.35 9.61
N PRO A 227 -14.35 -10.27 9.58
CA PRO A 227 -13.80 -10.74 8.29
C PRO A 227 -14.84 -11.39 7.41
N GLY A 228 -14.96 -10.89 6.18
CA GLY A 228 -15.92 -11.41 5.22
C GLY A 228 -17.16 -10.59 5.02
N TYR A 229 -17.50 -9.76 6.03
CA TYR A 229 -18.82 -9.15 6.14
C TYR A 229 -18.67 -7.70 6.63
N PRO A 230 -19.50 -6.81 6.14
CA PRO A 230 -19.36 -5.39 6.49
C PRO A 230 -19.70 -5.19 7.98
N ALA A 231 -18.96 -4.31 8.65
CA ALA A 231 -19.17 -3.95 10.06
C ALA A 231 -20.30 -2.90 10.23
N ASN A 232 -21.51 -3.35 9.92
CA ASN A 232 -22.69 -2.51 9.92
C ASN A 232 -23.38 -2.62 11.26
N GLU A 233 -24.61 -2.13 11.32
CA GLU A 233 -25.23 -1.93 12.61
C GLU A 233 -25.57 -3.24 13.29
N TYR A 234 -25.82 -4.28 12.54
CA TYR A 234 -26.24 -5.52 13.19
C TYR A 234 -25.16 -6.58 13.14
N ALA A 235 -23.97 -6.19 12.70
CA ALA A 235 -22.86 -7.16 12.58
C ALA A 235 -22.61 -7.97 13.84
N TYR A 236 -22.33 -9.26 13.68
CA TYR A 236 -21.90 -10.08 14.79
C TYR A 236 -20.38 -9.92 14.80
N ARG A 237 -19.79 -9.65 15.96
CA ARG A 237 -18.35 -9.35 16.06
C ARG A 237 -17.63 -10.45 16.76
N ARG A 238 -16.48 -10.83 16.24
CA ARG A 238 -15.58 -11.69 17.02
C ARG A 238 -15.19 -11.07 18.33
N GLY A 239 -14.96 -11.91 19.34
CA GLY A 239 -14.30 -11.42 20.54
C GLY A 239 -12.88 -11.02 20.21
N ILE A 240 -12.32 -10.07 20.94
CA ILE A 240 -10.97 -9.59 20.67
C ILE A 240 -9.92 -10.67 20.58
N ALA A 241 -10.13 -11.77 21.29
CA ALA A 241 -9.09 -12.79 21.28
C ALA A 241 -9.15 -13.63 20.03
N GLU A 242 -10.22 -13.47 19.27
CA GLU A 242 -10.33 -14.16 17.98
C GLU A 242 -10.14 -13.15 16.83
N ALA A 243 -9.91 -11.88 17.18
CA ALA A 243 -9.75 -10.82 16.19
C ALA A 243 -8.62 -11.23 15.22
N VAL A 244 -8.73 -10.77 13.97
CA VAL A 244 -7.76 -11.15 12.96
C VAL A 244 -6.61 -10.18 13.02
N GLY A 245 -5.42 -10.70 13.02
CA GLY A 245 -4.25 -9.86 12.71
C GLY A 245 -3.58 -9.08 13.84
N LEU A 246 -4.11 -9.18 15.05
CA LEU A 246 -3.57 -8.37 16.17
C LEU A 246 -2.24 -8.96 16.68
N PRO A 247 -1.29 -8.11 16.99
CA PRO A 247 0.01 -8.53 17.55
C PRO A 247 -0.13 -8.99 19.00
N SER A 248 0.69 -9.95 19.42
CA SER A 248 0.61 -10.38 20.80
C SER A 248 1.69 -9.81 21.72
N ILE A 249 2.63 -9.04 21.19
CA ILE A 249 3.65 -8.38 22.04
C ILE A 249 3.61 -6.87 21.84
N PRO A 250 3.91 -6.11 22.88
CA PRO A 250 3.82 -4.64 22.81
C PRO A 250 4.87 -4.04 21.91
N VAL A 251 4.56 -2.87 21.33
CA VAL A 251 5.39 -2.28 20.33
C VAL A 251 5.34 -0.76 20.44
N HIS A 252 6.45 -0.08 20.20
CA HIS A 252 6.38 1.39 20.23
C HIS A 252 7.45 1.93 19.45
N PRO A 253 7.23 3.08 18.80
CA PRO A 253 8.28 3.70 17.99
C PRO A 253 8.97 4.91 18.68
N ILE A 254 10.20 5.20 18.29
CA ILE A 254 10.95 6.33 18.81
C ILE A 254 11.76 7.01 17.77
N GLY A 255 12.13 8.24 18.06
CA GLY A 255 13.10 8.98 17.26
C GLY A 255 14.53 8.54 17.44
N TYR A 256 15.44 9.04 16.63
CA TYR A 256 16.82 8.63 16.77
C TYR A 256 17.65 9.30 17.91
N TYR A 257 17.23 10.44 18.48
CA TYR A 257 17.87 10.94 19.72
C TYR A 257 17.61 9.95 20.83
N ASP A 258 16.36 9.50 21.00
CA ASP A 258 16.03 8.48 21.99
C ASP A 258 16.70 7.15 21.69
N ALA A 259 16.76 6.78 20.40
CA ALA A 259 17.34 5.50 20.07
C ALA A 259 18.86 5.40 20.44
N GLN A 260 19.61 6.45 20.17
CA GLN A 260 21.07 6.49 20.46
C GLN A 260 21.35 6.14 21.92
N LYS A 261 20.53 6.68 22.80
CA LYS A 261 20.64 6.36 24.22
C LYS A 261 20.50 4.89 24.49
N LEU A 262 19.69 4.20 23.69
CA LEU A 262 19.38 2.77 23.96
C LEU A 262 20.42 1.86 23.34
N LEU A 263 20.92 2.30 22.20
CA LEU A 263 21.88 1.55 21.47
C LEU A 263 23.31 1.75 22.00
N GLU A 264 23.64 2.97 22.45
CA GLU A 264 25.02 3.30 22.82
C GLU A 264 25.65 2.29 23.82
N LYS A 265 24.82 1.66 24.65
CA LYS A 265 25.29 0.75 25.68
C LYS A 265 25.29 -0.70 25.26
N MET A 266 25.00 -0.98 23.99
CA MET A 266 24.79 -2.36 23.53
C MET A 266 26.08 -3.20 23.56
N GLY A 267 26.01 -4.38 24.17
CA GLY A 267 27.12 -5.29 24.13
C GLY A 267 26.94 -6.53 23.27
N GLY A 268 27.38 -7.65 23.81
CA GLY A 268 27.24 -8.95 23.19
C GLY A 268 27.94 -8.95 21.88
N SER A 269 27.37 -9.66 20.89
CA SER A 269 28.06 -9.90 19.63
C SER A 269 28.10 -8.67 18.75
N ALA A 270 29.14 -8.53 17.93
CA ALA A 270 29.27 -7.40 17.02
C ALA A 270 28.41 -7.60 15.75
N PRO A 271 28.05 -6.54 15.06
CA PRO A 271 27.22 -6.66 13.85
C PRO A 271 27.89 -7.54 12.83
N PRO A 272 27.15 -8.49 12.24
CA PRO A 272 27.73 -9.49 11.33
C PRO A 272 28.40 -8.84 10.13
N ASP A 273 27.96 -7.66 9.75
CA ASP A 273 28.59 -6.99 8.66
C ASP A 273 28.08 -5.57 8.59
N SER A 274 28.54 -4.83 7.58
CA SER A 274 28.28 -3.40 7.48
C SER A 274 26.82 -3.04 7.16
N SER A 275 26.13 -3.93 6.43
CA SER A 275 24.75 -3.69 6.07
C SER A 275 23.92 -3.54 7.33
N TRP A 276 24.47 -3.90 8.49
CA TRP A 276 23.74 -3.88 9.74
C TRP A 276 23.92 -2.59 10.55
N ARG A 277 24.78 -1.73 10.04
CA ARG A 277 25.15 -0.49 10.71
C ARG A 277 24.44 0.71 10.09
N GLY A 278 23.75 1.47 10.94
CA GLY A 278 23.20 2.75 10.58
C GLY A 278 24.23 3.88 10.66
N SER A 279 23.77 5.11 10.91
CA SER A 279 24.65 6.24 10.81
C SER A 279 24.73 6.99 12.14
N LEU A 280 24.29 6.32 13.18
CA LEU A 280 24.50 6.86 14.49
C LEU A 280 25.89 6.43 15.00
N LYS A 281 26.36 7.17 16.00
CA LYS A 281 27.65 6.93 16.62
C LYS A 281 27.42 5.92 17.72
N VAL A 282 27.27 4.68 17.28
CA VAL A 282 27.13 3.57 18.16
C VAL A 282 27.73 2.41 17.42
N PRO A 283 28.12 1.40 18.18
CA PRO A 283 28.78 0.23 17.59
C PRO A 283 27.80 -0.64 16.76
N TYR A 284 26.50 -0.51 17.00
CA TYR A 284 25.48 -1.36 16.33
C TYR A 284 25.69 -2.85 16.66
N ASN A 285 26.14 -3.07 17.89
CA ASN A 285 26.27 -4.40 18.48
C ASN A 285 24.90 -5.00 18.65
N VAL A 286 24.84 -6.31 18.58
CA VAL A 286 23.59 -6.99 18.37
C VAL A 286 23.00 -7.40 19.71
N GLY A 287 23.82 -7.34 20.76
CA GLY A 287 23.40 -7.80 22.07
C GLY A 287 23.60 -9.29 22.16
N PRO A 288 22.83 -9.94 23.00
CA PRO A 288 21.87 -9.29 23.87
C PRO A 288 22.51 -8.53 25.03
N GLY A 289 21.83 -7.52 25.54
CA GLY A 289 22.26 -6.88 26.76
C GLY A 289 23.27 -5.78 26.50
N PHE A 290 23.53 -5.02 27.57
CA PHE A 290 24.39 -3.85 27.56
C PHE A 290 25.83 -4.20 27.91
N SER A 295 25.24 -2.99 32.23
CA SER A 295 25.32 -4.46 32.11
C SER A 295 24.28 -5.09 33.03
N THR A 296 23.96 -4.36 34.07
CA THR A 296 22.92 -4.74 35.01
C THR A 296 21.66 -3.90 34.71
N GLN A 297 21.79 -2.97 33.76
CA GLN A 297 20.63 -2.18 33.33
C GLN A 297 19.78 -3.02 32.32
N LYS A 298 18.46 -2.81 32.37
CA LYS A 298 17.47 -3.46 31.51
C LYS A 298 16.65 -2.39 30.73
N VAL A 299 15.83 -2.85 29.78
CA VAL A 299 14.82 -1.98 29.15
C VAL A 299 13.40 -2.32 29.63
N LYS A 300 12.57 -1.30 29.79
CA LYS A 300 11.23 -1.52 30.23
C LYS A 300 10.23 -0.70 29.41
N MET A 301 9.19 -1.33 28.89
CA MET A 301 8.22 -0.60 28.07
C MET A 301 6.97 -0.39 28.87
N HIS A 302 6.27 0.71 28.61
CA HIS A 302 5.02 0.97 29.24
C HIS A 302 4.00 1.31 28.14
N ILE A 303 3.14 0.34 27.81
CA ILE A 303 2.09 0.57 26.81
C ILE A 303 0.72 0.37 27.38
N HIS A 304 -0.10 1.39 27.24
CA HIS A 304 -1.45 1.42 27.78
C HIS A 304 -2.58 1.73 26.77
N SER A 305 -2.28 1.61 25.48
CA SER A 305 -3.22 1.97 24.40
C SER A 305 -4.38 1.06 24.47
N THR A 306 -5.58 1.52 24.09
CA THR A 306 -6.75 0.67 24.06
C THR A 306 -7.31 0.49 22.61
N ASN A 307 -7.93 -0.63 22.38
CA ASN A 307 -8.66 -0.86 21.14
C ASN A 307 -10.11 -0.61 21.39
N GLU A 308 -10.79 0.15 20.54
CA GLU A 308 -12.17 0.50 20.71
C GLU A 308 -12.95 0.50 19.39
N VAL A 309 -14.18 0.01 19.40
CA VAL A 309 -15.01 0.02 18.22
C VAL A 309 -15.53 1.45 18.05
N THR A 310 -15.29 2.03 16.87
CA THR A 310 -15.45 3.42 16.57
C THR A 310 -16.07 3.58 15.14
N ARG A 311 -16.92 4.57 14.94
CA ARG A 311 -17.61 4.72 13.69
C ARG A 311 -16.69 5.47 12.73
N ILE A 312 -16.70 5.10 11.45
CA ILE A 312 -15.87 5.75 10.42
C ILE A 312 -16.83 6.05 9.29
N TYR A 313 -16.39 6.90 8.38
CA TYR A 313 -17.27 7.42 7.37
C TYR A 313 -16.57 7.55 6.02
N ASN A 314 -17.04 6.80 5.02
CA ASN A 314 -16.58 6.98 3.66
C ASN A 314 -17.56 7.93 2.94
N VAL A 315 -17.05 8.70 2.01
CA VAL A 315 -17.89 9.55 1.18
C VAL A 315 -17.90 8.92 -0.17
N ILE A 316 -19.10 8.62 -0.71
CA ILE A 316 -19.20 7.99 -2.00
C ILE A 316 -19.97 8.88 -3.00
N GLY A 317 -19.32 9.34 -4.08
CA GLY A 317 -19.93 10.21 -5.08
C GLY A 317 -20.19 9.50 -6.39
N THR A 318 -21.31 9.79 -7.08
CA THR A 318 -21.70 9.12 -8.29
C THR A 318 -21.96 10.09 -9.40
N LEU A 319 -21.32 9.82 -10.51
CA LEU A 319 -21.61 10.48 -11.75
C LEU A 319 -22.09 9.41 -12.72
N ARG A 320 -23.40 9.33 -12.88
CA ARG A 320 -24.06 8.33 -13.75
C ARG A 320 -23.68 8.34 -15.23
N GLY A 321 -23.40 7.15 -15.78
CA GLY A 321 -23.01 7.01 -17.15
C GLY A 321 -24.25 7.20 -18.07
N ALA A 322 -24.02 7.65 -19.29
CA ALA A 322 -25.14 7.94 -20.20
C ALA A 322 -25.62 6.70 -20.96
N VAL A 323 -24.69 5.82 -21.27
CA VAL A 323 -24.87 4.67 -22.16
C VAL A 323 -24.83 3.32 -21.33
N GLU A 324 -23.90 3.20 -20.38
CA GLU A 324 -23.72 1.96 -19.58
C GLU A 324 -23.60 2.31 -18.12
N PRO A 325 -24.68 2.75 -17.55
CA PRO A 325 -24.68 3.15 -16.17
C PRO A 325 -24.39 2.00 -15.17
N ASP A 326 -24.32 0.76 -15.66
CA ASP A 326 -24.19 -0.48 -14.83
C ASP A 326 -22.76 -0.98 -15.01
N ARG A 327 -21.88 -0.06 -15.39
CA ARG A 327 -20.48 -0.30 -15.53
C ARG A 327 -19.74 0.80 -14.77
N TYR A 328 -18.89 0.38 -13.83
CA TYR A 328 -18.40 1.31 -12.78
C TYR A 328 -16.93 1.48 -12.92
N VAL A 329 -16.51 2.73 -13.05
CA VAL A 329 -15.10 3.09 -12.99
C VAL A 329 -14.94 3.86 -11.67
N ILE A 330 -13.99 3.45 -10.85
CA ILE A 330 -13.89 3.97 -9.50
C ILE A 330 -12.58 4.74 -9.30
N LEU A 331 -12.67 5.94 -8.75
CA LEU A 331 -11.44 6.69 -8.36
C LEU A 331 -11.54 6.91 -6.89
N GLY A 332 -10.58 6.38 -6.16
CA GLY A 332 -10.66 6.42 -4.73
C GLY A 332 -9.33 6.67 -4.02
N GLY A 333 -9.42 7.28 -2.84
CA GLY A 333 -8.25 7.42 -1.98
C GLY A 333 -8.67 7.85 -0.62
N HIS A 334 -7.81 7.64 0.38
CA HIS A 334 -8.17 7.94 1.78
C HIS A 334 -8.02 9.41 2.19
N ARG A 335 -8.69 9.72 3.27
CA ARG A 335 -8.83 11.04 3.80
C ARG A 335 -8.26 11.13 5.20
N ASP A 336 -8.25 10.01 5.93
CA ASP A 336 -7.71 10.03 7.28
C ASP A 336 -6.20 10.15 7.29
N SER A 337 -5.68 10.81 8.31
CA SER A 337 -4.23 11.10 8.45
C SER A 337 -3.81 10.81 9.87
N TRP A 338 -2.53 10.52 10.09
CA TRP A 338 -2.04 10.35 11.44
C TRP A 338 -2.01 11.69 12.16
N VAL A 339 -1.53 12.72 11.49
CA VAL A 339 -1.61 14.09 12.01
C VAL A 339 -2.15 14.98 10.93
N PHE A 340 -1.35 15.90 10.37
CA PHE A 340 -1.85 16.85 9.37
C PHE A 340 -2.01 16.27 7.96
N GLY A 341 -1.23 15.26 7.64
CA GLY A 341 -1.35 14.58 6.36
C GLY A 341 -0.96 15.37 5.14
N GLY A 342 0.08 16.20 5.28
CA GLY A 342 0.45 17.11 4.24
C GLY A 342 0.82 16.43 2.94
N ILE A 343 1.54 15.34 3.02
CA ILE A 343 1.71 14.50 1.87
C ILE A 343 0.68 13.33 1.90
N ASP A 344 0.72 12.56 2.98
CA ASP A 344 -0.01 11.33 3.13
C ASP A 344 -1.21 11.51 4.01
N PRO A 345 -2.45 11.62 3.50
CA PRO A 345 -2.86 11.50 2.10
C PRO A 345 -3.35 12.76 1.41
N GLN A 346 -3.27 13.93 2.04
CA GLN A 346 -4.00 15.08 1.49
C GLN A 346 -3.49 15.58 0.14
N SER A 347 -2.28 15.26 -0.19
CA SER A 347 -1.71 15.55 -1.46
C SER A 347 -2.44 14.74 -2.57
N GLY A 348 -2.96 13.57 -2.23
CA GLY A 348 -3.81 12.79 -3.13
C GLY A 348 -5.23 13.26 -3.13
N ALA A 349 -5.75 13.51 -1.92
CA ALA A 349 -7.12 13.95 -1.77
C ALA A 349 -7.40 15.28 -2.46
N ALA A 350 -6.41 16.18 -2.44
CA ALA A 350 -6.64 17.50 -3.07
C ALA A 350 -6.73 17.35 -4.60
N VAL A 351 -5.97 16.41 -5.14
CA VAL A 351 -6.04 16.01 -6.55
C VAL A 351 -7.36 15.34 -6.94
N VAL A 352 -7.87 14.43 -6.12
CA VAL A 352 -9.23 13.93 -6.35
C VAL A 352 -10.29 15.02 -6.35
N HIS A 353 -10.26 15.92 -5.37
CA HIS A 353 -11.20 17.04 -5.26
C HIS A 353 -11.26 17.90 -6.54
N GLU A 354 -10.13 18.21 -7.12
CA GLU A 354 -10.08 18.98 -8.33
C GLU A 354 -10.50 18.16 -9.57
N ILE A 355 -10.21 16.84 -9.57
CA ILE A 355 -10.75 15.95 -10.62
C ILE A 355 -12.28 15.92 -10.59
N VAL A 356 -12.89 15.79 -9.39
CA VAL A 356 -14.35 15.86 -9.23
C VAL A 356 -14.90 17.22 -9.71
N ARG A 357 -14.27 18.31 -9.27
CA ARG A 357 -14.64 19.64 -9.80
C ARG A 357 -14.64 19.71 -11.32
N SER A 358 -13.59 19.21 -11.93
CA SER A 358 -13.45 19.26 -13.35
C SER A 358 -14.45 18.39 -14.13
N PHE A 359 -14.73 17.17 -13.62
CA PHE A 359 -15.78 16.33 -14.21
C PHE A 359 -17.15 16.99 -14.06
N GLY A 360 -17.44 17.51 -12.88
CA GLY A 360 -18.70 18.17 -12.60
C GLY A 360 -18.90 19.45 -13.44
N THR A 361 -17.82 20.13 -13.81
CA THR A 361 -17.87 21.23 -14.76
C THR A 361 -18.37 20.78 -16.13
N LEU A 362 -17.84 19.72 -16.72
CA LEU A 362 -18.39 19.22 -17.99
C LEU A 362 -19.84 18.78 -17.79
N LYS A 363 -20.10 18.09 -16.70
CA LYS A 363 -21.44 17.62 -16.48
C LYS A 363 -22.35 18.82 -16.61
N LYS A 364 -21.98 19.92 -15.96
CA LYS A 364 -22.88 21.10 -15.91
C LYS A 364 -23.14 21.71 -17.29
N GLU A 365 -22.21 21.53 -18.22
CA GLU A 365 -22.34 21.88 -19.65
C GLU A 365 -23.13 20.84 -20.48
N GLY A 366 -23.76 19.89 -19.79
CA GLY A 366 -24.56 18.85 -20.42
C GLY A 366 -23.88 17.55 -20.82
N TRP A 367 -22.63 17.33 -20.37
CA TRP A 367 -21.88 16.14 -20.76
C TRP A 367 -22.07 15.04 -19.71
N ARG A 368 -22.04 13.79 -20.15
CA ARG A 368 -21.93 12.65 -19.23
C ARG A 368 -20.96 11.65 -19.77
N PRO A 369 -20.27 10.94 -18.90
CA PRO A 369 -19.46 9.84 -19.39
C PRO A 369 -20.36 8.71 -19.89
N ARG A 370 -19.83 7.86 -20.70
CA ARG A 370 -20.49 6.68 -21.19
C ARG A 370 -20.81 5.69 -20.03
N ARG A 371 -19.77 5.38 -19.25
CA ARG A 371 -19.88 4.55 -18.01
C ARG A 371 -19.92 5.39 -16.74
N THR A 372 -20.59 4.84 -15.70
CA THR A 372 -20.66 5.45 -14.42
C THR A 372 -19.28 5.55 -13.73
N ILE A 373 -19.04 6.71 -13.13
CA ILE A 373 -17.82 6.97 -12.35
C ILE A 373 -18.23 7.15 -10.90
N LEU A 374 -17.53 6.41 -10.05
CA LEU A 374 -17.68 6.51 -8.61
C LEU A 374 -16.39 7.13 -8.04
N PHE A 375 -16.55 8.02 -7.08
CA PHE A 375 -15.46 8.74 -6.49
C PHE A 375 -15.60 8.43 -5.02
N ALA A 376 -14.48 8.08 -4.36
CA ALA A 376 -14.54 7.72 -2.94
C ALA A 376 -13.49 8.45 -2.11
N SER A 377 -13.91 8.91 -0.95
CA SER A 377 -12.98 9.40 0.09
C SER A 377 -13.06 8.39 1.25
N TRP A 378 -12.10 7.51 1.34
CA TRP A 378 -12.11 6.39 2.26
C TRP A 378 -11.64 6.84 3.65
N ASP A 379 -12.15 6.18 4.69
CA ASP A 379 -11.77 6.47 6.04
C ASP A 379 -10.96 5.31 6.57
N ALA A 380 -10.28 5.55 7.68
CA ALA A 380 -9.49 4.55 8.39
C ALA A 380 -8.50 3.68 7.58
N GLU A 381 -7.98 4.23 6.50
CA GLU A 381 -6.96 3.55 5.70
C GLU A 381 -5.74 3.31 6.57
N GLU A 382 -5.39 4.30 7.39
CA GLU A 382 -4.19 4.21 8.20
C GLU A 382 -4.17 3.08 9.22
N PHE A 383 -5.33 2.63 9.61
CA PHE A 383 -5.52 1.58 10.56
C PHE A 383 -5.77 0.19 9.93
N GLY A 384 -5.47 0.05 8.65
CA GLY A 384 -5.49 -1.23 7.98
C GLY A 384 -6.47 -1.30 6.78
N LEU A 385 -6.62 -0.22 6.06
CA LEU A 385 -7.40 -0.22 4.83
C LEU A 385 -8.86 -0.60 5.18
N LEU A 386 -9.34 -0.13 6.33
CA LEU A 386 -10.59 -0.59 6.87
C LEU A 386 -11.81 -0.08 6.11
N GLY A 387 -11.79 1.20 5.76
CA GLY A 387 -12.92 1.89 5.12
C GLY A 387 -13.23 1.34 3.69
N SER A 388 -12.20 1.24 2.85
CA SER A 388 -12.31 0.64 1.52
C SER A 388 -12.74 -0.81 1.59
N THR A 389 -12.14 -1.57 2.50
CA THR A 389 -12.43 -2.98 2.64
C THR A 389 -13.87 -3.25 3.06
N GLU A 390 -14.34 -2.59 4.10
CA GLU A 390 -15.74 -2.78 4.56
C GLU A 390 -16.78 -2.37 3.51
N TRP A 391 -16.50 -1.29 2.77
CA TRP A 391 -17.38 -0.89 1.70
C TRP A 391 -17.41 -1.91 0.60
N ALA A 392 -16.26 -2.45 0.24
CA ALA A 392 -16.26 -3.46 -0.76
C ALA A 392 -16.93 -4.77 -0.30
N GLU A 393 -16.78 -5.12 0.99
CA GLU A 393 -17.47 -6.31 1.57
C GLU A 393 -18.99 -6.13 1.52
N GLU A 394 -19.46 -4.90 1.69
CA GLU A 394 -20.87 -4.60 1.63
C GLU A 394 -21.41 -4.67 0.21
N ASN A 395 -20.62 -4.21 -0.77
CA ASN A 395 -21.02 -4.03 -2.16
C ASN A 395 -20.38 -5.02 -3.09
N SER A 396 -19.86 -6.15 -2.57
CA SER A 396 -19.06 -7.04 -3.39
C SER A 396 -19.80 -7.60 -4.57
N ARG A 397 -21.10 -7.88 -4.41
CA ARG A 397 -21.79 -8.41 -5.61
C ARG A 397 -21.88 -7.38 -6.75
N LEU A 398 -22.13 -6.14 -6.43
CA LEU A 398 -22.19 -5.10 -7.47
C LEU A 398 -20.83 -4.92 -8.12
N LEU A 399 -19.75 -4.94 -7.32
CA LEU A 399 -18.39 -4.74 -7.81
C LEU A 399 -17.88 -5.82 -8.69
N GLN A 400 -18.18 -7.03 -8.31
CA GLN A 400 -17.74 -8.11 -9.09
C GLN A 400 -18.42 -8.35 -10.45
N GLU A 401 -19.67 -7.97 -10.58
CA GLU A 401 -20.33 -8.12 -11.86
C GLU A 401 -20.35 -6.82 -12.71
N ARG A 402 -20.06 -5.70 -12.07
CA ARG A 402 -20.06 -4.39 -12.73
C ARG A 402 -18.74 -3.58 -12.74
N GLY A 403 -17.72 -4.03 -12.02
CA GLY A 403 -16.55 -3.23 -11.77
C GLY A 403 -15.61 -3.32 -12.91
N VAL A 404 -15.44 -2.21 -13.62
CA VAL A 404 -14.49 -2.16 -14.71
C VAL A 404 -13.07 -1.97 -14.20
N ALA A 405 -12.86 -0.96 -13.39
CA ALA A 405 -11.52 -0.63 -12.95
C ALA A 405 -11.53 0.18 -11.70
N TYR A 406 -10.40 0.09 -10.98
CA TYR A 406 -10.15 0.90 -9.78
C TYR A 406 -8.81 1.67 -9.95
N ILE A 407 -8.86 3.02 -9.84
CA ILE A 407 -7.67 3.87 -9.84
C ILE A 407 -7.58 4.49 -8.43
N ASN A 408 -6.43 4.25 -7.80
CA ASN A 408 -6.22 4.69 -6.45
C ASN A 408 -5.73 6.12 -6.50
N ALA A 409 -5.84 6.82 -5.36
CA ALA A 409 -5.39 8.21 -5.31
C ALA A 409 -4.98 8.63 -3.91
N ASP A 410 -3.97 7.95 -3.38
CA ASP A 410 -3.32 8.42 -2.16
C ASP A 410 -2.31 9.54 -2.59
N SER A 411 -1.28 9.81 -1.77
CA SER A 411 -0.28 10.86 -2.10
C SER A 411 0.17 10.96 -3.57
N SER A 412 0.12 12.19 -4.09
CA SER A 412 0.57 12.47 -5.42
C SER A 412 2.07 12.53 -5.51
N ILE A 413 2.75 12.76 -4.38
CA ILE A 413 4.20 12.92 -4.40
C ILE A 413 4.93 12.13 -3.35
N GLU A 414 6.08 11.60 -3.68
CA GLU A 414 6.95 11.08 -2.64
C GLU A 414 8.33 11.73 -2.83
N GLY A 415 8.41 12.62 -3.80
CA GLY A 415 9.64 13.06 -4.42
C GLY A 415 9.28 13.91 -5.63
N ASN A 416 10.28 14.49 -6.27
CA ASN A 416 10.06 15.36 -7.41
C ASN A 416 10.87 15.00 -8.67
N TYR A 417 11.31 13.75 -8.75
CA TYR A 417 12.15 13.25 -9.83
C TYR A 417 11.46 12.71 -11.09
N THR A 418 10.69 11.63 -10.93
CA THR A 418 9.92 11.16 -12.09
C THR A 418 8.64 10.45 -11.68
N LEU A 419 7.86 10.09 -12.67
CA LEU A 419 6.66 9.33 -12.50
C LEU A 419 6.91 7.91 -12.09
N ARG A 420 6.07 7.42 -11.19
CA ARG A 420 6.03 6.03 -10.80
C ARG A 420 4.61 5.47 -11.05
N VAL A 421 4.51 4.37 -11.75
CA VAL A 421 3.21 3.74 -12.04
C VAL A 421 3.26 2.26 -11.64
N ASP A 422 2.25 1.82 -10.87
CA ASP A 422 2.05 0.41 -10.58
C ASP A 422 0.67 0.04 -11.06
N CYS A 423 0.58 -1.00 -11.88
CA CYS A 423 -0.76 -1.44 -12.37
C CYS A 423 -0.76 -2.83 -12.96
N THR A 424 -1.97 -3.34 -13.17
CA THR A 424 -2.14 -4.55 -13.91
C THR A 424 -1.69 -4.32 -15.32
N PRO A 425 -1.11 -5.35 -15.88
CA PRO A 425 -0.71 -5.34 -17.30
C PRO A 425 -1.86 -4.93 -18.20
N LEU A 426 -3.11 -5.15 -17.82
CA LEU A 426 -4.19 -4.79 -18.71
C LEU A 426 -4.15 -3.29 -19.01
N MET A 427 -3.55 -2.48 -18.14
CA MET A 427 -3.51 -1.02 -18.38
C MET A 427 -2.16 -0.44 -18.95
N TYR A 428 -1.21 -1.28 -19.26
CA TYR A 428 0.12 -0.85 -19.64
C TYR A 428 0.05 0.02 -20.88
N SER A 429 -0.73 -0.41 -21.89
CA SER A 429 -0.88 0.36 -23.11
C SER A 429 -1.62 1.66 -22.95
N LEU A 430 -2.67 1.67 -22.14
CA LEU A 430 -3.40 2.86 -21.83
C LEU A 430 -2.47 3.92 -21.22
N VAL A 431 -1.62 3.53 -20.28
CA VAL A 431 -0.71 4.47 -19.64
C VAL A 431 0.41 4.97 -20.57
N HIS A 432 0.94 4.08 -21.41
CA HIS A 432 1.92 4.45 -22.44
C HIS A 432 1.30 5.52 -23.36
N ASN A 433 0.09 5.28 -23.83
CA ASN A 433 -0.54 6.18 -24.74
C ASN A 433 -0.84 7.51 -24.10
N LEU A 434 -1.41 7.45 -22.90
CA LEU A 434 -1.85 8.66 -22.24
C LEU A 434 -0.64 9.57 -21.94
N THR A 435 0.44 9.03 -21.43
CA THR A 435 1.59 9.84 -21.06
C THR A 435 2.36 10.46 -22.26
N LYS A 436 2.06 9.97 -23.47
CA LYS A 436 2.60 10.54 -24.71
C LYS A 436 1.78 11.75 -25.09
N GLU A 437 0.59 11.86 -24.55
CA GLU A 437 -0.27 13.01 -24.78
C GLU A 437 -0.11 14.13 -23.75
N LEU A 438 0.66 13.85 -22.72
CA LEU A 438 0.86 14.83 -21.63
C LEU A 438 2.30 15.39 -21.71
N LYS A 439 2.44 16.62 -21.26
CA LYS A 439 3.73 17.31 -21.20
C LYS A 439 4.41 17.02 -19.90
N SER A 440 5.73 16.83 -19.95
CA SER A 440 6.55 16.74 -18.79
C SER A 440 6.61 18.07 -18.04
N PRO A 441 6.70 17.99 -16.72
CA PRO A 441 6.91 19.18 -15.90
C PRO A 441 8.36 19.21 -15.44
N ASP A 442 9.14 18.27 -15.89
CA ASP A 442 10.51 18.11 -15.43
C ASP A 442 11.40 19.21 -16.05
N GLU A 443 12.29 19.75 -15.22
CA GLU A 443 13.31 20.71 -15.69
C GLU A 443 14.19 20.02 -16.71
N GLY A 444 14.27 20.60 -17.88
CA GLY A 444 15.10 20.04 -18.93
C GLY A 444 14.34 19.20 -19.93
N PHE A 445 13.02 19.26 -19.86
CA PHE A 445 12.15 18.47 -20.74
C PHE A 445 10.97 19.28 -21.14
N GLU A 446 11.17 20.58 -21.17
CA GLU A 446 10.10 21.47 -21.54
C GLU A 446 9.86 21.23 -23.02
N GLY A 447 8.59 21.22 -23.41
CA GLY A 447 8.20 20.78 -24.75
C GLY A 447 8.34 19.28 -25.09
N LYS A 448 8.86 18.48 -24.17
CA LYS A 448 8.87 17.02 -24.34
C LYS A 448 7.72 16.33 -23.56
N SER A 449 7.44 15.07 -23.88
CA SER A 449 6.22 14.41 -23.34
C SER A 449 6.59 13.80 -22.00
N LEU A 450 5.59 13.63 -21.15
CA LEU A 450 5.78 12.86 -19.91
C LEU A 450 6.41 11.48 -20.18
N TYR A 451 5.98 10.85 -21.27
CA TYR A 451 6.49 9.51 -21.61
C TYR A 451 7.94 9.61 -21.83
N GLU A 452 8.37 10.70 -22.48
CA GLU A 452 9.82 10.80 -22.80
C GLU A 452 10.63 11.00 -21.53
N SER A 453 10.18 11.90 -20.67
CA SER A 453 10.94 12.10 -19.44
C SER A 453 10.86 10.88 -18.52
N TRP A 454 9.66 10.33 -18.39
CA TRP A 454 9.47 9.13 -17.58
C TRP A 454 10.35 8.01 -18.06
N THR A 455 10.44 7.80 -19.37
CA THR A 455 11.26 6.65 -19.81
C THR A 455 12.80 6.91 -19.84
N LYS A 456 13.25 8.15 -20.04
CA LYS A 456 14.69 8.40 -19.80
C LYS A 456 15.04 8.17 -18.33
N LYS A 457 14.23 8.67 -17.40
CA LYS A 457 14.61 8.57 -15.97
C LYS A 457 14.31 7.25 -15.29
N SER A 458 13.37 6.45 -15.81
CA SER A 458 13.04 5.18 -15.15
C SER A 458 12.83 4.05 -16.15
N PRO A 459 13.89 3.60 -16.81
CA PRO A 459 13.76 2.69 -17.96
C PRO A 459 13.40 1.29 -17.52
N SER A 460 12.59 0.60 -18.29
CA SER A 460 12.29 -0.80 -17.97
C SER A 460 13.53 -1.64 -17.95
N PRO A 461 13.66 -2.46 -16.92
CA PRO A 461 14.69 -3.51 -16.89
C PRO A 461 14.20 -4.82 -17.50
N GLU A 462 13.08 -4.77 -18.22
CA GLU A 462 12.50 -5.96 -18.87
C GLU A 462 12.87 -5.93 -20.35
N PHE A 463 13.18 -4.72 -20.83
CA PHE A 463 13.71 -4.54 -22.17
C PHE A 463 12.98 -3.41 -22.84
N SER A 464 13.68 -2.76 -23.78
CA SER A 464 13.04 -1.84 -24.70
C SER A 464 13.36 -0.41 -24.34
N GLY A 465 12.84 0.49 -25.18
CA GLY A 465 12.83 1.92 -24.91
C GLY A 465 11.48 2.30 -24.31
N MET A 466 11.17 1.61 -23.21
CA MET A 466 9.99 1.96 -22.42
C MET A 466 10.21 1.97 -20.92
N PRO A 467 9.26 2.58 -20.24
CA PRO A 467 9.42 2.89 -18.84
C PRO A 467 9.08 1.70 -17.95
N ARG A 468 9.63 1.73 -16.75
CA ARG A 468 9.37 0.72 -15.75
C ARG A 468 7.96 0.92 -15.15
N ILE A 469 7.26 -0.20 -15.04
CA ILE A 469 5.96 -0.25 -14.36
C ILE A 469 6.04 -1.42 -13.43
N SER A 470 5.74 -1.20 -12.15
CA SER A 470 5.88 -2.23 -11.14
C SER A 470 4.54 -2.92 -10.90
N LYS A 471 4.64 -4.03 -10.19
CA LYS A 471 3.53 -4.87 -9.75
C LYS A 471 2.80 -4.25 -8.60
N LEU A 472 1.49 -4.47 -8.49
CA LEU A 472 0.72 -4.02 -7.34
C LEU A 472 0.95 -4.95 -6.21
N GLY A 473 1.19 -4.41 -5.02
CA GLY A 473 1.30 -5.25 -3.86
C GLY A 473 0.13 -4.84 -3.03
N SER A 474 0.43 -4.36 -1.82
CA SER A 474 -0.59 -3.86 -0.99
C SER A 474 -0.09 -2.66 -0.11
N GLY A 475 -0.72 -2.38 1.02
CA GLY A 475 -0.45 -1.15 1.75
C GLY A 475 -1.21 0.06 1.28
N ASN A 476 -2.27 -0.15 0.50
CA ASN A 476 -3.15 0.90 0.08
C ASN A 476 -4.53 0.39 -0.37
N ASP A 477 -5.43 1.31 -0.65
CA ASP A 477 -6.87 0.96 -0.71
C ASP A 477 -7.27 0.16 -1.94
N PHE A 478 -6.33 -0.04 -2.86
CA PHE A 478 -6.61 -0.88 -4.02
C PHE A 478 -6.68 -2.37 -3.62
N GLU A 479 -6.17 -2.73 -2.45
CA GLU A 479 -5.99 -4.14 -2.13
C GLU A 479 -7.29 -4.98 -2.22
N VAL A 480 -8.38 -4.50 -1.65
CA VAL A 480 -9.61 -5.30 -1.71
C VAL A 480 -10.06 -5.44 -3.19
N PHE A 481 -10.03 -4.34 -3.91
CA PHE A 481 -10.42 -4.36 -5.33
C PHE A 481 -9.63 -5.31 -6.21
N PHE A 482 -8.28 -5.25 -6.16
CA PHE A 482 -7.41 -6.08 -6.94
C PHE A 482 -7.22 -7.55 -6.43
N GLN A 483 -6.68 -7.70 -5.22
CA GLN A 483 -6.32 -9.01 -4.70
C GLN A 483 -7.53 -9.85 -4.20
N ARG A 484 -8.58 -9.22 -3.71
CA ARG A 484 -9.74 -10.00 -3.30
C ARG A 484 -10.75 -10.18 -4.42
N LEU A 485 -11.09 -9.10 -5.10
CA LEU A 485 -12.20 -9.12 -6.09
C LEU A 485 -11.82 -9.23 -7.54
N GLY A 486 -10.55 -9.00 -7.88
CA GLY A 486 -10.06 -9.13 -9.21
C GLY A 486 -10.55 -8.05 -10.19
N ILE A 487 -10.64 -6.83 -9.72
CA ILE A 487 -10.94 -5.67 -10.52
C ILE A 487 -9.62 -5.01 -10.98
N ALA A 488 -9.43 -4.83 -12.28
CA ALA A 488 -8.27 -4.21 -12.81
C ALA A 488 -7.94 -2.91 -12.09
N SER A 489 -6.71 -2.78 -11.61
CA SER A 489 -6.44 -1.61 -10.79
C SER A 489 -5.13 -0.96 -11.20
N GLY A 490 -5.01 0.32 -10.87
CA GLY A 490 -3.74 1.03 -11.12
C GLY A 490 -3.58 2.24 -10.17
N ARG A 491 -2.36 2.72 -10.13
CA ARG A 491 -2.02 3.91 -9.35
C ARG A 491 -0.81 4.59 -9.99
N ALA A 492 -0.67 5.88 -9.68
CA ALA A 492 0.45 6.69 -10.16
C ALA A 492 0.70 7.89 -9.20
N ARG A 493 1.98 8.21 -9.08
CA ARG A 493 2.44 9.34 -8.28
C ARG A 493 3.87 9.77 -8.73
N TYR A 494 4.27 10.95 -8.34
CA TYR A 494 5.64 11.36 -8.51
C TYR A 494 6.50 10.79 -7.42
N THR A 495 7.69 10.36 -7.80
CA THR A 495 8.62 9.80 -6.84
C THR A 495 10.06 10.36 -6.95
N LYS A 496 10.88 9.93 -6.01
CA LYS A 496 12.30 10.26 -5.89
C LYS A 496 13.19 9.38 -6.75
N ASN A 497 14.47 9.76 -6.92
CA ASN A 497 15.41 8.99 -7.76
C ASN A 497 15.72 7.67 -7.11
N SER A 504 13.20 3.53 3.52
CA SER A 504 13.34 4.95 3.10
C SER A 504 12.18 5.23 2.13
N GLY A 505 11.31 6.16 2.51
CA GLY A 505 10.23 6.56 1.64
C GLY A 505 10.43 8.04 1.39
N TYR A 506 9.80 8.86 2.22
CA TYR A 506 10.29 10.22 2.43
C TYR A 506 10.55 10.40 3.95
N PRO A 507 11.53 11.24 4.33
CA PRO A 507 11.92 11.29 5.74
C PRO A 507 10.84 11.62 6.71
N LEU A 508 9.94 12.54 6.41
CA LEU A 508 8.99 13.01 7.42
C LEU A 508 7.65 12.20 7.48
N TYR A 509 7.64 11.06 6.84
CA TYR A 509 6.46 10.18 6.79
C TYR A 509 5.84 9.89 8.13
N HIS A 510 4.58 10.23 8.28
CA HIS A 510 3.78 9.96 9.48
C HIS A 510 4.26 10.69 10.76
N SER A 511 4.97 11.80 10.60
CA SER A 511 5.34 12.63 11.73
C SER A 511 4.56 13.91 11.68
N VAL A 512 4.58 14.60 12.82
CA VAL A 512 3.95 15.89 12.96
C VAL A 512 4.48 16.90 11.95
N TYR A 513 5.69 16.64 11.47
CA TYR A 513 6.38 17.60 10.58
C TYR A 513 5.88 17.58 9.14
N GLU A 514 4.94 16.65 8.82
CA GLU A 514 4.44 16.49 7.48
C GLU A 514 3.23 17.42 7.30
N THR A 515 3.52 18.63 6.80
CA THR A 515 2.61 19.79 6.83
C THR A 515 2.45 20.30 5.43
N TYR A 516 1.52 21.22 5.25
CA TYR A 516 1.40 21.92 4.00
C TYR A 516 2.73 22.59 3.61
N GLU A 517 3.37 23.18 4.61
CA GLU A 517 4.59 23.94 4.40
C GLU A 517 5.70 23.10 3.84
N LEU A 518 5.78 21.90 4.33
CA LEU A 518 6.70 20.97 3.78
C LEU A 518 6.52 20.79 2.28
N VAL A 519 5.27 20.73 1.83
CA VAL A 519 5.00 20.50 0.42
C VAL A 519 5.27 21.77 -0.40
N GLU A 520 4.71 22.86 0.03
CA GLU A 520 4.86 24.12 -0.68
C GLU A 520 6.32 24.60 -0.73
N LYS A 521 7.06 24.48 0.37
CA LYS A 521 8.40 25.05 0.37
C LYS A 521 9.39 24.13 -0.31
N PHE A 522 9.32 22.83 -0.06
CA PHE A 522 10.36 21.90 -0.48
C PHE A 522 10.00 20.87 -1.59
N TYR A 523 8.72 20.49 -1.76
CA TYR A 523 8.39 19.42 -2.75
C TYR A 523 7.90 19.95 -4.08
N ASP A 524 6.98 20.89 -4.06
CA ASP A 524 6.27 21.27 -5.27
C ASP A 524 5.71 22.70 -5.18
N PRO A 525 6.63 23.69 -5.09
CA PRO A 525 6.20 25.08 -4.91
C PRO A 525 5.21 25.59 -5.92
N MET A 526 5.38 25.19 -7.16
CA MET A 526 4.43 25.60 -8.20
C MET A 526 3.23 24.64 -8.42
N PHE A 527 3.13 23.57 -7.61
CA PHE A 527 2.05 22.58 -7.77
C PHE A 527 1.94 21.99 -9.20
N LYS A 528 3.07 21.89 -9.89
CA LYS A 528 3.10 21.39 -11.24
C LYS A 528 3.20 19.86 -11.23
N TYR A 529 3.82 19.29 -10.21
CA TYR A 529 3.91 17.85 -10.13
C TYR A 529 2.53 17.29 -9.79
N HIS A 530 1.88 17.91 -8.80
CA HIS A 530 0.51 17.62 -8.45
C HIS A 530 -0.38 17.66 -9.73
N LEU A 531 -0.22 18.71 -10.53
CA LEU A 531 -1.06 18.88 -11.70
C LEU A 531 -0.83 17.75 -12.70
N THR A 532 0.40 17.32 -12.87
CA THR A 532 0.71 16.24 -13.78
C THR A 532 0.07 14.92 -13.28
N VAL A 533 0.23 14.64 -12.00
CA VAL A 533 -0.37 13.45 -11.43
C VAL A 533 -1.89 13.53 -11.57
N ALA A 534 -2.46 14.73 -11.41
CA ALA A 534 -3.88 14.88 -11.63
C ALA A 534 -4.28 14.60 -13.07
N GLN A 535 -3.43 14.95 -14.01
CA GLN A 535 -3.70 14.63 -15.39
C GLN A 535 -3.62 13.12 -15.68
N VAL A 536 -2.62 12.44 -15.11
CA VAL A 536 -2.44 11.02 -15.28
C VAL A 536 -3.63 10.25 -14.68
N ARG A 537 -4.03 10.57 -13.46
CA ARG A 537 -5.11 9.87 -12.78
C ARG A 537 -6.45 10.20 -13.47
N GLY A 538 -6.68 11.48 -13.69
CA GLY A 538 -7.89 11.94 -14.34
C GLY A 538 -8.04 11.40 -15.74
N GLY A 539 -6.95 11.37 -16.49
CA GLY A 539 -7.00 10.84 -17.84
C GLY A 539 -7.27 9.33 -17.94
N MET A 540 -6.79 8.58 -16.95
CA MET A 540 -6.96 7.15 -16.93
C MET A 540 -8.42 6.95 -16.72
N VAL A 541 -8.98 7.67 -15.78
CA VAL A 541 -10.36 7.52 -15.43
C VAL A 541 -11.29 7.89 -16.62
N PHE A 542 -10.95 8.99 -17.30
CA PHE A 542 -11.71 9.49 -18.39
C PHE A 542 -11.72 8.45 -19.52
N GLU A 543 -10.58 7.94 -19.93
CA GLU A 543 -10.55 6.93 -20.95
C GLU A 543 -11.34 5.65 -20.59
N LEU A 544 -11.24 5.23 -19.32
CA LEU A 544 -11.89 4.00 -18.86
C LEU A 544 -13.39 4.18 -18.89
N ALA A 545 -13.85 5.39 -18.55
CA ALA A 545 -15.21 5.66 -18.43
C ALA A 545 -15.90 6.02 -19.78
N ASN A 546 -15.11 6.33 -20.80
CA ASN A 546 -15.73 6.90 -21.99
C ASN A 546 -15.35 6.26 -23.27
N SER A 547 -14.23 5.57 -23.31
CA SER A 547 -13.88 4.88 -24.50
C SER A 547 -14.92 3.76 -24.86
N ILE A 548 -15.18 3.56 -26.15
CA ILE A 548 -16.26 2.69 -26.56
C ILE A 548 -15.87 1.24 -26.29
N VAL A 549 -14.71 0.88 -26.76
CA VAL A 549 -14.08 -0.37 -26.40
C VAL A 549 -13.12 -0.15 -25.20
N LEU A 550 -13.18 -1.05 -24.20
CA LEU A 550 -12.38 -0.85 -22.96
C LEU A 550 -10.96 -0.81 -23.36
N PRO A 551 -10.21 0.16 -22.79
CA PRO A 551 -8.78 0.27 -23.13
C PRO A 551 -7.78 -0.65 -22.41
N PHE A 552 -8.11 -1.95 -22.44
CA PHE A 552 -7.26 -3.03 -21.93
C PHE A 552 -6.67 -3.79 -23.08
N ASP A 553 -5.38 -4.11 -22.99
CA ASP A 553 -4.72 -4.97 -23.92
C ASP A 553 -4.28 -6.31 -23.30
N CYS A 554 -5.02 -7.37 -23.60
CA CYS A 554 -4.76 -8.71 -23.07
C CYS A 554 -3.49 -9.25 -23.51
N ARG A 555 -2.92 -8.79 -24.63
CA ARG A 555 -1.59 -9.31 -24.99
C ARG A 555 -0.50 -8.91 -24.03
N ASP A 556 -0.62 -7.74 -23.43
CA ASP A 556 0.31 -7.38 -22.37
C ASP A 556 0.34 -8.37 -21.19
N TYR A 557 -0.79 -8.94 -20.84
CA TYR A 557 -0.78 -10.01 -19.80
C TYR A 557 -0.06 -11.22 -20.24
N ALA A 558 -0.19 -11.59 -21.54
CA ALA A 558 0.55 -12.76 -22.03
C ALA A 558 2.05 -12.66 -21.94
N VAL A 559 2.58 -11.50 -22.27
CA VAL A 559 4.01 -11.23 -22.12
C VAL A 559 4.50 -11.33 -20.67
N VAL A 560 3.83 -10.73 -19.70
CA VAL A 560 4.35 -10.83 -18.32
C VAL A 560 4.15 -12.21 -17.76
N LEU A 561 3.09 -12.94 -18.16
CA LEU A 561 2.92 -14.29 -17.65
C LEU A 561 4.10 -15.14 -18.02
N ARG A 562 4.64 -14.96 -19.23
CA ARG A 562 5.82 -15.70 -19.60
C ARG A 562 7.04 -15.34 -18.76
N LYS A 563 7.28 -14.06 -18.52
CA LYS A 563 8.39 -13.61 -17.69
C LYS A 563 8.25 -14.18 -16.27
N TYR A 564 7.02 -14.15 -15.71
CA TYR A 564 6.78 -14.68 -14.33
C TYR A 564 7.00 -16.19 -14.26
N ALA A 565 6.62 -16.88 -15.34
CA ALA A 565 6.86 -18.34 -15.37
C ALA A 565 8.34 -18.66 -15.43
N ASP A 566 9.06 -17.96 -16.32
CA ASP A 566 10.54 -18.10 -16.35
C ASP A 566 11.14 -17.89 -15.01
N LYS A 567 10.66 -16.84 -14.31
CA LYS A 567 11.23 -16.51 -13.01
C LYS A 567 11.06 -17.56 -11.96
N ILE A 568 9.87 -18.10 -11.83
CA ILE A 568 9.62 -19.05 -10.78
C ILE A 568 10.27 -20.38 -11.13
N TYR A 569 10.25 -20.74 -12.41
CA TYR A 569 11.08 -21.85 -12.92
C TYR A 569 12.58 -21.79 -12.48
N SER A 570 13.21 -20.62 -12.64
CA SER A 570 14.58 -20.43 -12.20
C SER A 570 14.77 -20.63 -10.74
N ILE A 571 13.79 -20.20 -9.96
CA ILE A 571 13.89 -20.40 -8.54
C ILE A 571 13.87 -21.88 -8.20
N SER A 572 13.01 -22.65 -8.86
CA SER A 572 12.91 -24.06 -8.53
C SER A 572 14.21 -24.82 -8.93
N MET A 573 14.84 -24.35 -10.01
CA MET A 573 16.00 -25.04 -10.62
C MET A 573 17.27 -24.87 -9.75
N LYS A 574 17.19 -24.11 -8.66
CA LYS A 574 18.17 -24.22 -7.60
C LYS A 574 18.16 -25.56 -6.88
N HIS A 575 17.14 -26.40 -7.14
CA HIS A 575 17.02 -27.65 -6.43
C HIS A 575 16.82 -28.82 -7.42
N PRO A 576 17.80 -28.98 -8.33
CA PRO A 576 17.73 -29.99 -9.39
C PRO A 576 17.52 -31.42 -8.90
N GLN A 577 18.18 -31.81 -7.82
CA GLN A 577 18.04 -33.19 -7.34
C GLN A 577 16.62 -33.46 -6.89
N GLU A 578 16.03 -32.51 -6.14
CA GLU A 578 14.67 -32.63 -5.68
C GLU A 578 13.67 -32.66 -6.83
N MET A 579 13.92 -31.88 -7.85
CA MET A 579 13.04 -31.87 -9.00
C MET A 579 13.03 -33.22 -9.70
N LYS A 580 14.18 -33.92 -9.66
CA LYS A 580 14.32 -35.26 -10.26
C LYS A 580 13.61 -36.26 -9.42
N THR A 581 13.90 -36.22 -8.12
CA THR A 581 13.37 -37.17 -7.19
C THR A 581 11.87 -37.12 -7.11
N TYR A 582 11.31 -35.91 -7.15
CA TYR A 582 9.88 -35.73 -6.92
C TYR A 582 9.12 -35.46 -8.18
N SER A 583 9.83 -35.49 -9.31
CA SER A 583 9.24 -35.30 -10.62
C SER A 583 8.50 -33.95 -10.76
N VAL A 584 9.18 -32.87 -10.46
CA VAL A 584 8.54 -31.58 -10.45
C VAL A 584 8.67 -30.95 -11.82
N SER A 585 7.60 -31.01 -12.59
CA SER A 585 7.60 -30.43 -13.90
C SER A 585 6.81 -29.13 -13.92
N PHE A 586 7.34 -28.15 -14.63
CA PHE A 586 6.67 -26.93 -14.96
C PHE A 586 6.01 -26.98 -16.28
N ASP A 587 5.98 -28.17 -16.92
CA ASP A 587 5.42 -28.20 -18.30
C ASP A 587 4.00 -27.70 -18.42
N SER A 588 3.17 -28.00 -17.42
CA SER A 588 1.76 -27.55 -17.53
C SER A 588 1.59 -26.02 -17.49
N LEU A 589 2.36 -25.33 -16.66
CA LEU A 589 2.32 -23.88 -16.63
C LEU A 589 2.76 -23.21 -17.93
N PHE A 590 3.88 -23.67 -18.50
CA PHE A 590 4.35 -23.17 -19.78
C PHE A 590 3.38 -23.41 -20.87
N SER A 591 2.79 -24.61 -20.92
CA SER A 591 1.67 -24.86 -21.85
C SER A 591 0.50 -23.91 -21.73
N ALA A 592 0.07 -23.66 -20.51
CA ALA A 592 -1.00 -22.71 -20.29
C ALA A 592 -0.63 -21.30 -20.77
N VAL A 593 0.60 -20.84 -20.47
CA VAL A 593 1.00 -19.49 -20.85
C VAL A 593 1.07 -19.42 -22.39
N LYS A 594 1.54 -20.48 -23.04
CA LYS A 594 1.45 -20.54 -24.55
C LYS A 594 0.05 -20.41 -25.14
N ASN A 595 -0.85 -21.19 -24.54
CA ASN A 595 -2.25 -21.11 -24.88
C ASN A 595 -2.80 -19.73 -24.66
N PHE A 596 -2.55 -19.12 -23.50
CA PHE A 596 -3.03 -17.77 -23.25
C PHE A 596 -2.52 -16.82 -24.38
N THR A 597 -1.23 -16.94 -24.70
CA THR A 597 -0.55 -16.05 -25.71
C THR A 597 -1.27 -16.19 -27.02
N GLU A 598 -1.46 -17.42 -27.48
CA GLU A 598 -2.23 -17.64 -28.74
C GLU A 598 -3.66 -17.23 -28.67
N ILE A 599 -4.41 -17.56 -27.59
CA ILE A 599 -5.82 -17.13 -27.57
C ILE A 599 -5.96 -15.64 -27.49
N ALA A 600 -5.02 -14.99 -26.79
CA ALA A 600 -5.15 -13.54 -26.57
C ALA A 600 -4.90 -12.79 -27.94
N SER A 601 -4.01 -13.33 -28.73
CA SER A 601 -3.83 -12.85 -30.11
C SER A 601 -5.02 -12.94 -30.97
N LYS A 602 -5.64 -14.10 -31.02
CA LYS A 602 -6.92 -14.16 -31.74
C LYS A 602 -7.98 -13.25 -31.28
N PHE A 603 -8.14 -13.10 -29.96
CA PHE A 603 -9.20 -12.20 -29.48
C PHE A 603 -8.91 -10.75 -29.95
N SER A 604 -7.64 -10.38 -29.93
CA SER A 604 -7.23 -9.04 -30.31
C SER A 604 -7.58 -8.82 -31.81
N GLU A 605 -7.24 -9.77 -32.67
CA GLU A 605 -7.73 -9.75 -34.06
C GLU A 605 -9.22 -9.52 -34.13
N ARG A 606 -10.01 -10.26 -33.34
CA ARG A 606 -11.46 -10.15 -33.46
C ARG A 606 -11.86 -8.81 -32.96
N LEU A 607 -11.06 -8.29 -32.04
CA LEU A 607 -11.36 -6.99 -31.48
C LEU A 607 -11.24 -5.92 -32.54
N GLN A 608 -10.37 -6.12 -33.50
CA GLN A 608 -10.17 -5.13 -34.58
C GLN A 608 -11.07 -5.33 -35.83
N ASP A 609 -12.17 -6.07 -35.72
CA ASP A 609 -12.84 -6.64 -36.89
C ASP A 609 -14.35 -6.74 -36.82
N PHE A 610 -15.05 -5.99 -35.92
CA PHE A 610 -16.49 -6.12 -35.68
C PHE A 610 -17.12 -4.73 -35.66
N ASP A 611 -18.45 -4.65 -35.84
CA ASP A 611 -19.04 -3.41 -36.20
C ASP A 611 -19.56 -2.87 -34.89
N ASN A 614 -22.29 -3.50 -34.19
CA ASN A 614 -23.19 -4.24 -33.28
C ASN A 614 -22.79 -4.07 -31.79
N PRO A 615 -23.69 -3.49 -31.04
CA PRO A 615 -23.53 -3.16 -29.68
C PRO A 615 -23.63 -4.37 -28.74
N ILE A 616 -24.00 -5.58 -29.24
CA ILE A 616 -24.24 -6.65 -28.31
C ILE A 616 -22.98 -7.29 -28.44
N VAL A 617 -22.50 -7.31 -29.66
CA VAL A 617 -21.15 -7.75 -29.89
C VAL A 617 -20.14 -6.89 -29.11
N LEU A 618 -20.33 -5.58 -29.13
CA LEU A 618 -19.42 -4.63 -28.47
C LEU A 618 -19.40 -4.95 -26.91
N ARG A 619 -20.57 -5.05 -26.37
CA ARG A 619 -20.87 -5.30 -24.96
C ARG A 619 -20.34 -6.69 -24.55
N MET A 620 -20.30 -7.65 -25.51
CA MET A 620 -19.86 -9.00 -25.22
C MET A 620 -18.39 -8.96 -25.15
N MET A 621 -17.80 -8.21 -26.08
CA MET A 621 -16.36 -8.14 -26.13
C MET A 621 -15.83 -7.32 -24.93
N ASN A 622 -16.52 -6.26 -24.58
CA ASN A 622 -16.12 -5.43 -23.44
C ASN A 622 -16.24 -6.31 -22.13
N ASP A 623 -17.26 -7.17 -22.07
CA ASP A 623 -17.46 -8.03 -20.90
C ASP A 623 -16.32 -8.99 -20.84
N GLN A 624 -15.83 -9.48 -21.99
CA GLN A 624 -14.74 -10.39 -22.00
C GLN A 624 -13.50 -9.68 -21.47
N LEU A 625 -13.36 -8.41 -21.85
CA LEU A 625 -12.25 -7.62 -21.36
C LEU A 625 -12.38 -7.31 -19.86
N MET A 626 -13.55 -6.91 -19.40
CA MET A 626 -13.80 -6.57 -17.98
C MET A 626 -13.55 -7.82 -17.07
N PHE A 627 -13.97 -8.99 -17.54
CA PHE A 627 -13.88 -10.27 -16.77
C PHE A 627 -12.59 -10.97 -16.78
N LEU A 628 -11.62 -10.52 -17.60
CA LEU A 628 -10.39 -11.19 -17.69
C LEU A 628 -9.64 -11.01 -16.40
N GLU A 629 -9.59 -9.80 -15.80
CA GLU A 629 -8.91 -9.72 -14.46
C GLU A 629 -9.56 -10.68 -13.45
N ARG A 630 -10.89 -10.73 -13.51
CA ARG A 630 -11.76 -11.58 -12.66
C ARG A 630 -11.45 -13.04 -12.71
N ALA A 631 -10.96 -13.48 -13.86
CA ALA A 631 -10.70 -14.86 -14.11
C ALA A 631 -9.54 -15.40 -13.33
N PHE A 632 -8.65 -14.52 -12.88
CA PHE A 632 -7.51 -14.92 -12.09
C PHE A 632 -7.78 -15.17 -10.63
N ILE A 633 -8.99 -14.91 -10.18
CA ILE A 633 -9.45 -15.09 -8.79
C ILE A 633 -9.80 -16.58 -8.60
N ASP A 634 -9.25 -17.13 -7.53
CA ASP A 634 -9.60 -18.46 -7.06
C ASP A 634 -10.39 -18.30 -5.80
N PRO A 635 -11.64 -18.75 -5.79
CA PRO A 635 -12.49 -18.48 -4.63
C PRO A 635 -12.02 -19.15 -3.32
N LEU A 636 -11.19 -20.17 -3.39
CA LEU A 636 -10.64 -20.79 -2.20
C LEU A 636 -9.51 -19.97 -1.63
N GLY A 637 -9.05 -18.94 -2.35
CA GLY A 637 -7.94 -18.18 -1.85
C GLY A 637 -6.56 -18.85 -1.87
N LEU A 638 -5.52 -18.12 -1.44
CA LEU A 638 -4.17 -18.68 -1.36
C LEU A 638 -3.99 -19.35 0.00
N PRO A 639 -3.02 -20.26 0.12
CA PRO A 639 -2.91 -21.01 1.39
C PRO A 639 -2.72 -20.15 2.63
N ASP A 640 -3.62 -20.36 3.56
CA ASP A 640 -3.68 -19.63 4.82
C ASP A 640 -3.97 -18.20 4.66
N ARG A 641 -4.36 -17.78 3.46
CA ARG A 641 -4.76 -16.37 3.28
C ARG A 641 -6.02 -16.28 2.37
N PRO A 642 -7.19 -16.56 2.96
CA PRO A 642 -8.44 -16.65 2.18
C PRO A 642 -8.84 -15.39 1.45
N PHE A 643 -8.42 -14.22 1.88
CA PHE A 643 -8.79 -12.94 1.24
C PHE A 643 -7.80 -12.46 0.20
N TYR A 644 -6.77 -13.23 -0.03
CA TYR A 644 -5.91 -12.97 -1.15
C TYR A 644 -6.24 -14.06 -2.15
N ARG A 645 -7.00 -13.69 -3.17
CA ARG A 645 -7.55 -14.66 -4.08
C ARG A 645 -7.00 -14.65 -5.52
N HIS A 646 -6.18 -13.65 -5.86
CA HIS A 646 -5.60 -13.56 -7.18
C HIS A 646 -4.47 -14.54 -7.27
N VAL A 647 -4.44 -15.34 -8.30
CA VAL A 647 -3.40 -16.37 -8.39
C VAL A 647 -2.06 -15.87 -8.98
N ILE A 648 -2.12 -14.79 -9.73
CA ILE A 648 -0.93 -14.23 -10.37
C ILE A 648 -0.12 -13.27 -9.46
N TYR A 649 -0.84 -12.45 -8.70
CA TYR A 649 -0.29 -11.47 -7.75
C TYR A 649 -0.81 -11.59 -6.33
N ALA A 650 0.10 -11.41 -5.34
CA ALA A 650 -0.33 -11.16 -3.98
C ALA A 650 0.74 -10.33 -3.30
N PRO A 651 0.41 -9.67 -2.18
CA PRO A 651 1.43 -8.99 -1.37
C PRO A 651 2.45 -10.04 -0.91
N SER A 652 3.75 -9.68 -0.95
CA SER A 652 4.74 -10.57 -0.41
C SER A 652 4.44 -10.93 1.06
N SER A 653 4.55 -12.21 1.37
CA SER A 653 4.42 -12.73 2.74
C SER A 653 5.51 -12.14 3.71
N HIS A 654 6.55 -11.54 3.17
CA HIS A 654 7.61 -10.89 3.98
C HIS A 654 7.58 -9.39 3.92
N ASN A 655 6.68 -8.80 3.12
CA ASN A 655 6.64 -7.35 2.98
C ASN A 655 5.38 -6.96 2.27
N LYS A 656 4.35 -6.57 3.02
CA LYS A 656 3.03 -6.27 2.46
C LYS A 656 3.08 -5.24 1.36
N TYR A 657 4.06 -4.31 1.39
CA TYR A 657 4.16 -3.29 0.36
C TYR A 657 4.55 -3.80 -1.02
N ALA A 658 5.26 -4.92 -1.09
CA ALA A 658 5.78 -5.45 -2.34
C ALA A 658 4.81 -6.46 -2.97
N GLY A 659 4.67 -6.44 -4.30
CA GLY A 659 3.93 -7.49 -5.00
C GLY A 659 4.84 -8.67 -5.30
N GLU A 660 4.30 -9.87 -5.19
CA GLU A 660 5.01 -11.08 -5.61
C GLU A 660 4.17 -11.78 -6.71
N SER A 661 4.85 -12.31 -7.77
CA SER A 661 4.15 -13.02 -8.85
C SER A 661 4.12 -14.54 -8.59
N PHE A 662 3.12 -15.25 -9.10
CA PHE A 662 2.81 -16.64 -8.73
C PHE A 662 3.11 -16.90 -7.26
N PRO A 663 2.43 -16.14 -6.39
CA PRO A 663 2.63 -16.19 -4.93
C PRO A 663 2.47 -17.55 -4.31
N GLY A 664 1.56 -18.36 -4.84
CA GLY A 664 1.37 -19.68 -4.31
C GLY A 664 2.55 -20.61 -4.46
N ILE A 665 3.15 -20.58 -5.66
CA ILE A 665 4.37 -21.36 -5.92
C ILE A 665 5.60 -20.73 -5.20
N TYR A 666 5.75 -19.41 -5.31
CA TYR A 666 6.84 -18.73 -4.61
C TYR A 666 6.95 -19.12 -3.14
N ASP A 667 5.86 -18.98 -2.40
CA ASP A 667 5.83 -19.35 -0.99
C ASP A 667 6.01 -20.82 -0.70
N ALA A 668 5.54 -21.68 -1.59
CA ALA A 668 5.83 -23.09 -1.45
C ALA A 668 7.32 -23.44 -1.62
N LEU A 669 8.03 -22.71 -2.43
CA LEU A 669 9.46 -22.88 -2.65
C LEU A 669 10.35 -22.16 -1.61
N PHE A 670 9.76 -21.19 -0.87
CA PHE A 670 10.58 -20.30 -0.03
C PHE A 670 11.12 -21.09 1.12
N ASP A 671 12.44 -21.05 1.28
CA ASP A 671 13.12 -21.72 2.39
C ASP A 671 12.84 -23.20 2.45
N ILE A 672 12.56 -23.81 1.32
CA ILE A 672 12.14 -25.20 1.29
C ILE A 672 13.24 -26.16 1.73
N GLU A 673 14.51 -25.80 1.55
CA GLU A 673 15.57 -26.70 2.03
C GLU A 673 15.51 -26.85 3.55
N SER A 674 14.77 -25.99 4.25
CA SER A 674 14.69 -26.14 5.71
C SER A 674 13.53 -26.98 6.22
N LYS A 675 12.64 -27.49 5.36
CA LYS A 675 11.48 -28.21 5.88
C LYS A 675 11.83 -29.68 6.19
N VAL A 676 11.15 -30.28 7.16
CA VAL A 676 11.56 -31.60 7.66
C VAL A 676 11.19 -32.74 6.72
N ASP A 677 10.03 -32.60 6.04
CA ASP A 677 9.47 -33.63 5.16
C ASP A 677 9.54 -33.08 3.72
N PRO A 678 10.63 -33.33 3.04
CA PRO A 678 10.80 -32.89 1.66
C PRO A 678 9.68 -33.34 0.73
N SER A 679 9.20 -34.56 0.88
CA SER A 679 8.28 -35.07 -0.11
C SER A 679 6.94 -34.37 -0.02
N LYS A 680 6.55 -34.04 1.20
CA LYS A 680 5.39 -33.22 1.46
C LYS A 680 5.58 -31.81 0.95
N ALA A 681 6.76 -31.22 1.17
CA ALA A 681 7.04 -29.87 0.71
C ALA A 681 7.08 -29.74 -0.80
N TRP A 682 7.62 -30.74 -1.48
CA TRP A 682 7.68 -30.72 -2.91
C TRP A 682 6.33 -31.08 -3.52
N GLY A 683 5.56 -31.87 -2.80
CA GLY A 683 4.19 -32.20 -3.15
C GLY A 683 3.34 -30.96 -3.29
N GLU A 684 3.57 -30.04 -2.37
CA GLU A 684 2.85 -28.80 -2.34
C GLU A 684 3.33 -27.84 -3.42
N VAL A 685 4.61 -27.80 -3.75
CA VAL A 685 5.06 -27.11 -4.92
C VAL A 685 4.32 -27.57 -6.17
N LYS A 686 4.24 -28.87 -6.35
CA LYS A 686 3.59 -29.42 -7.55
C LYS A 686 2.09 -29.07 -7.54
N ARG A 687 1.46 -29.15 -6.37
CA ARG A 687 0.07 -28.70 -6.27
C ARG A 687 -0.12 -27.26 -6.68
N GLN A 688 0.74 -26.37 -6.27
CA GLN A 688 0.59 -25.01 -6.70
C GLN A 688 0.88 -24.75 -8.15
N ILE A 689 1.81 -25.52 -8.76
CA ILE A 689 2.01 -25.46 -10.20
C ILE A 689 0.72 -25.80 -10.94
N TYR A 690 0.05 -26.86 -10.52
CA TYR A 690 -1.26 -27.26 -11.08
C TYR A 690 -2.32 -26.19 -10.95
N VAL A 691 -2.47 -25.66 -9.75
CA VAL A 691 -3.42 -24.54 -9.55
C VAL A 691 -3.14 -23.37 -10.46
N ALA A 692 -1.88 -22.95 -10.59
CA ALA A 692 -1.53 -21.85 -11.47
C ALA A 692 -1.78 -22.11 -12.96
N ALA A 693 -1.32 -23.26 -13.43
CA ALA A 693 -1.48 -23.68 -14.81
C ALA A 693 -2.96 -23.73 -15.15
N PHE A 694 -3.76 -24.35 -14.25
CA PHE A 694 -5.18 -24.39 -14.47
C PHE A 694 -5.81 -22.99 -14.60
N THR A 695 -5.43 -22.10 -13.71
CA THR A 695 -6.07 -20.78 -13.65
C THR A 695 -5.65 -19.96 -14.87
N VAL A 696 -4.42 -20.09 -15.34
CA VAL A 696 -4.01 -19.37 -16.58
C VAL A 696 -4.82 -19.88 -17.76
N GLN A 697 -4.94 -21.21 -17.91
CA GLN A 697 -5.76 -21.83 -18.98
C GLN A 697 -7.20 -21.39 -18.93
N ALA A 698 -7.76 -21.31 -17.71
CA ALA A 698 -9.14 -20.96 -17.57
C ALA A 698 -9.35 -19.52 -17.90
N ALA A 699 -8.41 -18.67 -17.48
CA ALA A 699 -8.52 -17.24 -17.85
C ALA A 699 -8.46 -17.08 -19.40
N ALA A 700 -7.51 -17.76 -20.03
CA ALA A 700 -7.38 -17.77 -21.49
C ALA A 700 -8.67 -18.10 -22.18
N GLU A 701 -9.36 -19.14 -21.67
CA GLU A 701 -10.61 -19.61 -22.23
C GLU A 701 -11.71 -18.68 -22.14
N THR A 702 -11.62 -17.69 -21.24
CA THR A 702 -12.64 -16.64 -21.23
C THR A 702 -12.59 -15.73 -22.44
N LEU A 703 -11.46 -15.72 -23.14
CA LEU A 703 -11.27 -14.90 -24.29
C LEU A 703 -11.49 -15.70 -25.60
N SER A 704 -11.74 -17.02 -25.50
CA SER A 704 -12.17 -17.84 -26.65
C SER A 704 -13.49 -17.37 -27.13
N GLU A 705 -13.85 -17.72 -28.37
CA GLU A 705 -15.19 -17.49 -28.85
C GLU A 705 -16.14 -18.12 -27.86
N VAL A 706 -17.25 -17.45 -27.62
CA VAL A 706 -18.08 -17.75 -26.49
C VAL A 706 -19.06 -18.92 -26.77
N ALA A 707 -19.34 -19.14 -28.05
CA ALA A 707 -20.03 -20.32 -28.53
C ALA A 707 -19.75 -20.44 -30.04
C1 NAG B . -12.15 24.68 3.91
C2 NAG B . -12.23 25.64 5.08
C3 NAG B . -13.67 25.74 5.57
C4 NAG B . -14.69 26.05 4.48
C5 NAG B . -14.41 25.19 3.26
C6 NAG B . -15.32 25.58 2.07
C7 NAG B . -10.21 25.84 6.45
C8 NAG B . -9.43 25.37 7.62
N2 NAG B . -11.35 25.19 6.17
O3 NAG B . -13.84 26.67 6.64
O4 NAG B . -15.93 25.60 5.00
O5 NAG B . -13.03 25.14 2.92
O6 NAG B . -14.83 26.58 1.18
O7 NAG B . -9.77 26.78 5.78
C1 NAG B . -16.94 26.62 4.99
C2 NAG B . -18.34 26.01 5.20
C3 NAG B . -19.44 27.07 5.35
C4 NAG B . -19.07 28.21 6.32
C5 NAG B . -17.61 28.67 6.07
C6 NAG B . -17.12 29.67 7.15
C7 NAG B . -18.71 23.86 4.05
C8 NAG B . -18.52 23.11 5.34
N2 NAG B . -18.73 25.19 4.08
O3 NAG B . -20.60 26.38 5.76
O4 NAG B . -19.98 29.32 6.21
O5 NAG B . -16.70 27.56 6.02
O6 NAG B . -16.80 28.98 8.35
O7 NAG B . -18.85 23.26 2.97
C1 NAG C . -2.41 2.92 -27.91
C2 NAG C . -3.69 2.07 -28.11
C3 NAG C . -3.59 1.09 -29.30
C4 NAG C . -3.11 1.82 -30.55
C5 NAG C . -1.91 2.71 -30.25
C6 NAG C . -1.63 3.64 -31.46
C7 NAG C . -5.04 1.48 -26.18
C8 NAG C . -5.96 2.56 -26.55
N2 NAG C . -4.02 1.28 -26.95
O3 NAG C . -4.85 0.51 -29.55
O4 NAG C . -2.73 0.85 -31.50
O5 NAG C . -2.24 3.55 -29.16
O6 NAG C . -2.76 4.49 -31.73
O7 NAG C . -5.27 0.75 -25.18
C1 NAG C . -3.51 1.04 -32.69
C2 NAG C . -3.05 -0.02 -33.65
C3 NAG C . -3.76 0.06 -34.99
C4 NAG C . -5.28 0.11 -34.76
C5 NAG C . -5.62 1.15 -33.65
C6 NAG C . -7.11 1.26 -33.31
C7 NAG C . -0.82 -0.78 -33.10
C8 NAG C . -1.31 -2.17 -32.88
N2 NAG C . -1.61 0.07 -33.76
O3 NAG C . -3.37 -1.02 -35.82
O4 NAG C . -5.90 0.42 -35.99
O5 NAG C . -4.90 0.90 -32.47
O6 NAG C . -7.70 -0.03 -33.14
O7 NAG C . 0.30 -0.46 -32.67
C1 NAG D . -3.10 -25.89 -24.23
C2 NAG D . -3.57 -26.83 -23.10
C3 NAG D . -3.49 -28.29 -23.59
C4 NAG D . -4.29 -28.49 -24.89
C5 NAG D . -3.89 -27.43 -25.88
C6 NAG D . -4.81 -27.51 -27.11
C7 NAG D . -3.36 -26.67 -20.68
C8 NAG D . -2.52 -26.53 -19.48
N2 NAG D . -2.76 -26.66 -21.89
O3 NAG D . -3.84 -29.19 -22.56
O4 NAG D . -3.92 -29.70 -25.56
O5 NAG D . -4.01 -26.14 -25.32
O6 NAG D . -4.32 -26.67 -28.13
O7 NAG D . -4.55 -26.74 -20.56
C1 NAG D . -4.51 -30.86 -24.94
C2 NAG D . -5.16 -31.76 -25.99
C3 NAG D . -5.71 -33.08 -25.41
C4 NAG D . -4.54 -33.75 -24.73
C5 NAG D . -4.08 -32.76 -23.66
C6 NAG D . -2.98 -33.39 -22.81
C7 NAG D . -6.34 -30.95 -27.90
C8 NAG D . -5.10 -30.71 -28.72
N2 NAG D . -6.25 -31.05 -26.59
O3 NAG D . -6.33 -33.88 -26.41
O4 NAG D . -4.98 -34.91 -24.07
O5 NAG D . -3.56 -31.56 -24.22
O6 NAG D . -2.84 -32.60 -21.65
O7 NAG D . -7.44 -31.05 -28.45
C1 MAN D . -5.02 -36.16 -24.77
C2 MAN D . -4.70 -37.20 -23.71
C3 MAN D . -4.57 -38.58 -24.32
C4 MAN D . -5.76 -38.94 -25.16
C5 MAN D . -6.31 -37.76 -25.94
C6 MAN D . -7.74 -38.22 -26.33
O2 MAN D . -5.78 -37.21 -22.81
O3 MAN D . -4.58 -39.55 -23.33
O4 MAN D . -5.35 -39.89 -26.12
O5 MAN D . -6.29 -36.50 -25.25
O6 MAN D . -7.80 -39.65 -26.51
C1 MAN D . -3.71 -40.63 -23.71
C2 MAN D . -4.29 -41.93 -23.10
C3 MAN D . -4.38 -41.68 -21.60
C4 MAN D . -2.98 -41.42 -21.11
C5 MAN D . -2.39 -40.21 -21.83
C6 MAN D . -0.98 -39.87 -21.32
O2 MAN D . -3.44 -43.02 -23.39
O3 MAN D . -5.00 -42.73 -20.88
O4 MAN D . -3.05 -41.15 -19.74
O5 MAN D . -2.39 -40.43 -23.23
O6 MAN D . -0.78 -40.36 -19.99
ZN ZN E . 0.13 6.63 5.85
ZN ZN F . -1.83 7.04 2.65
CA CA G . -15.65 -6.69 7.70
CL CL H . -1.84 5.91 -5.03
C1 NAG I . -6.55 5.26 31.13
C2 NAG I . -7.80 4.37 31.11
C3 NAG I . -8.62 4.44 32.40
C4 NAG I . -7.85 5.14 33.52
C5 NAG I . -6.37 4.78 33.53
C6 NAG I . -6.14 3.47 34.32
C7 NAG I . -9.03 3.54 29.20
C8 NAG I . -8.54 2.17 29.54
N2 NAG I . -8.64 4.59 29.96
O3 NAG I . -8.97 3.11 32.79
O4 NAG I . -7.92 6.55 33.44
O5 NAG I . -5.77 4.76 32.22
O6 NAG I . -6.97 2.40 33.89
O7 NAG I . -9.79 3.66 28.24
C1 NAG J . 10.71 8.42 34.16
C2 NAG J . 11.39 9.32 35.19
C3 NAG J . 11.19 8.72 36.58
C4 NAG J . 9.67 8.60 36.87
C5 NAG J . 8.92 7.98 35.66
C6 NAG J . 7.38 8.08 35.78
C7 NAG J . 13.44 10.52 34.59
C8 NAG J . 14.92 10.28 34.39
N2 NAG J . 12.81 9.42 34.96
O3 NAG J . 11.83 9.57 37.52
O4 NAG J . 9.44 7.88 38.09
O5 NAG J . 9.32 8.56 34.44
O6 NAG J . 6.91 9.42 35.76
O7 NAG J . 12.92 11.63 34.43
C1 NAG K . 15.66 -19.81 23.02
C2 NAG K . 15.73 -21.26 22.56
C3 NAG K . 14.50 -22.01 23.08
C4 NAG K . 14.57 -21.94 24.61
C5 NAG K . 14.57 -20.47 25.04
C6 NAG K . 14.58 -20.21 26.56
C7 NAG K . 16.47 -22.46 20.66
C8 NAG K . 17.99 -22.51 20.75
N2 NAG K . 15.89 -21.36 21.13
O3 NAG K . 14.43 -23.34 22.58
O4 NAG K . 13.54 -22.71 25.22
O5 NAG K . 15.70 -19.82 24.45
O6 NAG K . 14.01 -21.29 27.30
O7 NAG K . 15.82 -23.42 20.19
C1 NAG L . 13.23 18.84 -5.87
C2 NAG L . 13.87 17.97 -4.79
C3 NAG L . 15.35 18.33 -4.58
C4 NAG L . 16.08 18.10 -5.90
C5 NAG L . 15.46 19.08 -6.90
C6 NAG L . 16.21 19.00 -8.26
C7 NAG L . 12.87 16.93 -2.84
C8 NAG L . 12.22 17.06 -1.52
N2 NAG L . 13.03 18.00 -3.58
O3 NAG L . 16.03 17.57 -3.60
O4 NAG L . 17.51 18.28 -5.79
O5 NAG L . 14.05 18.91 -7.04
O6 NAG L . 16.90 17.77 -8.45
O7 NAG L . 13.21 15.81 -3.17
O5 24I M . -1.78 -2.05 4.94
C14 24I M . -1.72 -1.15 5.75
O6 24I M . -2.39 -1.32 6.91
C13 24I M . -0.94 0.12 5.39
C12 24I M . -1.36 1.36 6.16
C10 24I M . -0.54 2.57 5.77
C9 24I M . 0.92 2.27 6.14
O4 24I M . 1.26 2.49 7.39
O3 24I M . 1.72 1.81 5.34
C7 24I M . -0.73 2.89 4.27
P1 24I M . 0.00 4.44 3.75
O1 24I M . -1.20 5.35 3.28
O2 24I M . 0.86 5.11 4.94
C6 24I M . 1.09 3.96 2.40
C8 24I M . 1.85 5.02 1.75
C5 24I M . 3.18 5.26 2.10
C3 24I M . 3.84 6.30 1.42
C4 24I M . 1.23 5.73 0.74
C2 24I M . 1.86 6.76 0.05
C1 24I M . 3.19 7.04 0.40
I 24I M . 4.13 8.60 -0.73
#